data_9EE5
#
_entry.id   9EE5
#
_cell.length_a   1.00
_cell.length_b   1.00
_cell.length_c   1.00
_cell.angle_alpha   90.00
_cell.angle_beta   90.00
_cell.angle_gamma   90.00
#
_symmetry.space_group_name_H-M   'P 1'
#
loop_
_entity.id
_entity.type
_entity.pdbx_description
1 polymer 'anti-BRIL Fab Heavy Chain'
2 polymer 'anti-Fab Nanobody synthetic construct'
3 polymer 'anti-BRIL Fab Light Chain'
4 polymer 'Prostaglandin D2 receptor,Soluble cytochrome b562'
5 non-polymer '[2-chloro-5-(2,6-dimethyl-4-{[(2S)-4-methyl-3,4-dihydro-2H-1,4-benzoxazin-2-yl]methoxy}benzamido)phenyl]acetic acid'
#
loop_
_entity_poly.entity_id
_entity_poly.type
_entity_poly.pdbx_seq_one_letter_code
_entity_poly.pdbx_strand_id
1 'polypeptide(L)'
;EISEVQLVESGGGLVQPGGSLRLSCAASGFNVVDFSLHWVRQAPGKGLEWVAYISSSSGSTSYADSVKGRFTISADTSKN
TAYLQMNSLRAEDTAVYYCARWGYWPGEPWWKAFDYWGQGTLVTVSSASTKGPSVFPLAPSSKSTSGGTAALGCLVKDYF
PEPVTVSWNSGALTSGVHTFPAVLQSSGLYSLSSVVTVPSSSLGTQTYICNVNHKPSNTKVDKKVEPKS
;
H
2 'polypeptide(L)'
;GSQVQLQESGGGLVQPGGSLRLSCAASGRTISRYAMSWFRQAPGKEREFVAVARRSGDGAFYADSVQGRFTVSRDDAKNT
VYLQMNSLKPEDTAVYYCAIDSDTFYSGSYDYWGQGTQVTVSS
;
K
3 'polypeptide(L)'
;SDIQMTQSPSSLSASVGDRVTITCRASQSVSSAVAWYQQKPGKAPKLLIYSASSLYSGVPSRFSGSRSGTDFTLTISSLQ
PEDFATYYCQQYLYYSLVTFGQGTKVEIKRTVAAPSVFIFPPSDSQLKSGTASVVCLLNNFYPREAKVQWKVDNALQSGN
SQESVTEQDSKDSTYSLSSTLTLSKADYEKHKVYACEVTHQGLSSPVTKSFNRG
;
L
4 'polypeptide(L)'
;MKTIIALSYIFCLVFADYKDDDDGAPMKSPFYRCQNTTSVEKGNSAVMGGVLFSTGLLGNLLALGLLARSGLGWCSRRPL
RPLPSVFYMLVCGLTVTDLLGKCLLSPVVLAAYAQNRSLRVLAPALDNSLCQAFAFFMSFFGLSSTLQLLAMALERWLSL
GHPFFYRRHITLRLGALVAPVVSAFSLAFCALPFMGFGKFVQYCPGTWCFIQMVHEEGSLSVLGYSVLYSSLMALLVLAT
VLCNLGAMRNLYAMHRRLQADLEDNWETLNDNLKVIEKADNAAQVKDALTKMRAAALDAQKATPPKLEDKSPDSPEMKDF
RHGFDILVGQIDDALKLANEGKVKEAQAAAEQLKTTRNAYIQKYLERARSTLLEELDALLLLALMTVLFTMCSLPVIYRA
YYGAFKDVKEKNRTSEEAEDLRALRFLSVISIVNPWIFIIFRSPVFRIFFHKIFIRPLRYRSRCSNSTNMESSLGRPLEV
LFQGPHHHHHHHHHH
;
A
#
# COMPACT_ATOMS: atom_id res chain seq x y z
N SER A 3 33.77 20.72 3.74
CA SER A 3 33.95 19.61 4.65
C SER A 3 32.63 18.94 4.98
N GLU A 4 32.58 18.28 6.13
CA GLU A 4 31.36 17.62 6.57
C GLU A 4 30.29 18.65 6.91
N VAL A 5 29.03 18.25 6.75
CA VAL A 5 27.89 19.12 7.03
C VAL A 5 27.59 18.96 8.52
N GLN A 6 28.26 19.74 9.34
CA GLN A 6 28.10 19.70 10.79
C GLN A 6 27.56 21.02 11.30
N LEU A 7 26.59 20.94 12.21
CA LEU A 7 25.93 22.11 12.78
C LEU A 7 26.22 22.11 14.28
N VAL A 8 27.31 22.78 14.66
CA VAL A 8 27.77 22.79 16.05
C VAL A 8 27.04 23.88 16.81
N GLU A 9 26.53 23.56 17.99
CA GLU A 9 25.72 24.49 18.76
C GLU A 9 26.45 24.93 20.03
N SER A 10 26.01 26.07 20.55
CA SER A 10 26.53 26.60 21.80
C SER A 10 25.38 27.24 22.56
N GLY A 11 25.70 27.90 23.67
CA GLY A 11 24.71 28.63 24.44
C GLY A 11 23.68 27.76 25.13
N GLY A 12 24.14 26.96 26.10
CA GLY A 12 23.22 26.12 26.85
C GLY A 12 23.56 26.08 28.33
N GLY A 13 22.54 26.13 29.17
CA GLY A 13 22.77 26.10 30.59
C GLY A 13 21.47 26.25 31.36
N LEU A 14 21.61 26.46 32.67
CA LEU A 14 20.46 26.62 33.56
C LEU A 14 20.17 28.10 33.73
N VAL A 15 18.93 28.50 33.45
CA VAL A 15 18.50 29.88 33.58
C VAL A 15 17.20 29.92 34.37
N GLN A 16 17.00 31.03 35.08
CA GLN A 16 15.80 31.19 35.88
C GLN A 16 14.58 31.42 34.99
N PRO A 17 13.38 31.12 35.48
CA PRO A 17 12.17 31.43 34.72
C PRO A 17 12.03 32.92 34.47
N GLY A 18 11.54 33.27 33.29
CA GLY A 18 11.44 34.65 32.88
C GLY A 18 12.72 35.25 32.36
N GLY A 19 13.79 34.48 32.26
CA GLY A 19 15.06 34.98 31.79
C GLY A 19 15.17 34.96 30.27
N SER A 20 16.38 35.28 29.80
CA SER A 20 16.67 35.36 28.38
C SER A 20 17.91 34.56 28.06
N LEU A 21 17.96 34.01 26.85
CA LEU A 21 19.10 33.20 26.44
C LEU A 21 19.28 33.31 24.94
N ARG A 22 20.50 33.02 24.49
CA ARG A 22 20.89 33.20 23.09
C ARG A 22 21.52 31.91 22.58
N LEU A 23 20.73 31.12 21.85
CA LEU A 23 21.24 29.88 21.25
C LEU A 23 21.92 30.21 19.93
N SER A 24 23.13 29.69 19.76
CA SER A 24 23.94 29.95 18.57
C SER A 24 24.22 28.64 17.85
N CYS A 25 23.86 28.58 16.57
CA CYS A 25 24.13 27.43 15.71
C CYS A 25 25.09 27.85 14.61
N ALA A 26 26.26 27.22 14.56
CA ALA A 26 27.27 27.50 13.55
C ALA A 26 27.37 26.31 12.62
N ALA A 27 27.13 26.55 11.33
CA ALA A 27 27.20 25.50 10.33
C ALA A 27 28.59 25.48 9.71
N SER A 28 29.00 24.31 9.22
CA SER A 28 30.30 24.16 8.60
C SER A 28 30.16 23.47 7.25
N GLY A 29 31.06 23.81 6.33
CA GLY A 29 31.14 23.17 5.03
C GLY A 29 30.23 23.75 3.96
N PHE A 30 29.35 24.69 4.31
CA PHE A 30 28.43 25.25 3.34
C PHE A 30 28.00 26.64 3.80
N ASN A 31 27.42 27.39 2.87
CA ASN A 31 26.99 28.75 3.14
C ASN A 31 25.57 28.77 3.70
N VAL A 32 25.37 29.62 4.71
CA VAL A 32 24.06 29.71 5.35
C VAL A 32 23.03 30.33 4.39
N VAL A 33 23.49 31.17 3.46
CA VAL A 33 22.58 31.76 2.47
C VAL A 33 21.98 30.68 1.58
N ASP A 34 22.81 29.72 1.14
CA ASP A 34 22.36 28.72 0.18
C ASP A 34 21.34 27.75 0.76
N PHE A 35 21.28 27.59 2.08
CA PHE A 35 20.44 26.57 2.69
C PHE A 35 19.57 27.19 3.77
N SER A 36 18.28 26.88 3.74
CA SER A 36 17.38 27.28 4.81
C SER A 36 17.76 26.59 6.11
N LEU A 37 17.57 27.29 7.22
CA LEU A 37 17.91 26.77 8.55
C LEU A 37 16.67 26.72 9.42
N HIS A 38 16.45 25.58 10.05
CA HIS A 38 15.29 25.36 10.91
C HIS A 38 15.77 24.92 12.28
N TRP A 39 14.95 25.18 13.30
CA TRP A 39 15.24 24.78 14.67
C TRP A 39 14.26 23.72 15.11
N VAL A 40 14.78 22.60 15.62
CA VAL A 40 13.97 21.47 16.08
C VAL A 40 14.37 21.15 17.51
N ARG A 41 13.37 21.03 18.38
CA ARG A 41 13.60 20.76 19.80
C ARG A 41 12.86 19.49 20.21
N GLN A 42 13.38 18.82 21.24
CA GLN A 42 12.84 17.56 21.71
C GLN A 42 12.78 17.59 23.23
N ALA A 43 11.59 17.32 23.78
CA ALA A 43 11.43 17.24 25.21
C ALA A 43 12.15 16.00 25.75
N PRO A 44 12.51 15.99 27.04
CA PRO A 44 13.13 14.80 27.61
C PRO A 44 12.17 13.61 27.61
N GLY A 45 12.51 12.59 26.83
CA GLY A 45 11.68 11.41 26.71
C GLY A 45 10.35 11.62 26.00
N LYS A 46 10.35 12.41 24.92
CA LYS A 46 9.14 12.68 24.16
C LYS A 46 9.51 12.75 22.68
N GLY A 47 8.58 13.24 21.86
CA GLY A 47 8.77 13.31 20.43
C GLY A 47 9.55 14.54 19.99
N LEU A 48 9.47 14.81 18.70
CA LEU A 48 10.20 15.92 18.09
C LEU A 48 9.26 17.10 17.86
N GLU A 49 9.85 18.31 17.81
CA GLU A 49 9.07 19.52 17.64
C GLU A 49 9.90 20.57 16.89
N TRP A 50 9.31 21.15 15.85
CA TRP A 50 9.96 22.16 15.02
C TRP A 50 9.68 23.55 15.57
N VAL A 51 10.72 24.40 15.61
CA VAL A 51 10.66 25.69 16.31
C VAL A 51 10.51 26.86 15.32
N ALA A 52 11.52 27.10 14.50
CA ALA A 52 11.55 28.32 13.71
C ALA A 52 12.32 28.10 12.41
N TYR A 53 12.10 29.01 11.47
CA TYR A 53 12.60 28.90 10.10
C TYR A 53 13.23 30.24 9.69
N ILE A 54 14.43 30.17 9.11
CA ILE A 54 15.14 31.36 8.62
C ILE A 54 15.74 31.05 7.25
N SER A 55 15.53 31.97 6.31
CA SER A 55 16.14 31.92 4.98
C SER A 55 16.93 33.20 4.78
N SER A 56 18.22 33.06 4.51
CA SER A 56 19.13 34.21 4.47
C SER A 56 19.18 34.89 3.12
N SER A 57 18.91 34.17 2.03
CA SER A 57 18.90 34.79 0.72
C SER A 57 17.75 35.79 0.60
N SER A 58 16.54 35.36 0.96
CA SER A 58 15.38 36.25 0.98
C SER A 58 15.23 36.97 2.32
N GLY A 59 15.96 36.56 3.35
CA GLY A 59 15.81 37.16 4.67
C GLY A 59 14.44 36.95 5.27
N SER A 60 13.84 35.78 5.04
CA SER A 60 12.47 35.50 5.47
C SER A 60 12.47 34.62 6.70
N THR A 61 11.64 34.99 7.67
CA THR A 61 11.55 34.29 8.94
C THR A 61 10.15 33.76 9.17
N SER A 62 10.05 32.70 9.96
CA SER A 62 8.76 32.18 10.38
C SER A 62 8.92 31.44 11.71
N TYR A 63 7.85 31.41 12.49
CA TYR A 63 7.88 30.84 13.83
C TYR A 63 6.71 29.90 14.03
N ALA A 64 6.88 28.99 14.98
CA ALA A 64 5.79 28.13 15.41
C ALA A 64 4.75 28.94 16.19
N ASP A 65 3.62 28.29 16.48
CA ASP A 65 2.54 28.98 17.18
C ASP A 65 2.94 29.33 18.61
N SER A 66 3.66 28.45 19.29
CA SER A 66 3.97 28.66 20.70
C SER A 66 5.08 29.68 20.90
N VAL A 67 6.08 29.72 20.02
CA VAL A 67 7.27 30.53 20.24
C VAL A 67 7.23 31.88 19.52
N LYS A 68 6.22 32.13 18.69
CA LYS A 68 6.15 33.40 17.98
C LYS A 68 5.85 34.54 18.95
N GLY A 69 6.53 35.67 18.74
CA GLY A 69 6.43 36.81 19.63
C GLY A 69 7.36 36.76 20.83
N ARG A 70 7.87 35.58 21.17
CA ARG A 70 8.83 35.43 22.26
C ARG A 70 10.19 34.96 21.79
N PHE A 71 10.29 34.37 20.60
CA PHE A 71 11.54 33.92 20.03
C PHE A 71 11.88 34.78 18.82
N THR A 72 13.15 35.17 18.71
CA THR A 72 13.62 35.99 17.61
C THR A 72 14.72 35.25 16.87
N ILE A 73 14.49 34.94 15.61
CA ILE A 73 15.48 34.24 14.79
C ILE A 73 16.23 35.27 13.96
N SER A 74 17.53 35.03 13.77
CA SER A 74 18.36 35.93 12.98
C SER A 74 19.55 35.16 12.47
N ALA A 75 20.27 35.75 11.51
CA ALA A 75 21.44 35.11 10.95
C ALA A 75 22.41 36.16 10.46
N ASP A 76 23.70 35.85 10.53
CA ASP A 76 24.73 36.70 9.95
C ASP A 76 25.59 35.86 9.02
N THR A 77 25.70 36.31 7.76
CA THR A 77 26.46 35.60 6.75
C THR A 77 27.96 35.81 6.91
N SER A 78 28.38 36.94 7.47
CA SER A 78 29.79 37.17 7.73
C SER A 78 30.35 36.17 8.73
N LYS A 79 29.58 35.88 9.77
CA LYS A 79 29.95 34.85 10.74
C LYS A 79 29.40 33.47 10.38
N ASN A 80 28.55 33.39 9.34
CA ASN A 80 27.94 32.13 8.89
C ASN A 80 27.21 31.44 10.04
N THR A 81 26.43 32.22 10.79
CA THR A 81 25.86 31.74 12.04
C THR A 81 24.38 32.09 12.10
N ALA A 82 23.61 31.24 12.78
CA ALA A 82 22.22 31.50 13.09
C ALA A 82 22.06 31.68 14.60
N TYR A 83 21.18 32.61 14.98
CA TYR A 83 20.94 32.94 16.38
C TYR A 83 19.45 32.84 16.67
N LEU A 84 19.13 32.33 17.85
CA LEU A 84 17.77 32.31 18.36
C LEU A 84 17.78 32.97 19.73
N GLN A 85 16.97 34.02 19.89
CA GLN A 85 16.89 34.78 21.12
C GLN A 85 15.58 34.41 21.83
N MET A 86 15.70 33.98 23.09
CA MET A 86 14.57 33.57 23.90
C MET A 86 14.41 34.57 25.04
N ASN A 87 13.22 35.14 25.18
CA ASN A 87 12.99 36.21 26.14
C ASN A 87 11.96 35.88 27.21
N SER A 88 10.98 35.04 26.92
CA SER A 88 9.95 34.66 27.89
C SER A 88 9.95 33.14 28.00
N LEU A 89 10.67 32.62 28.99
CA LEU A 89 10.79 31.18 29.20
C LEU A 89 9.82 30.75 30.29
N ARG A 90 8.95 29.81 29.96
CA ARG A 90 8.02 29.23 30.92
C ARG A 90 8.56 27.87 31.37
N ALA A 91 7.76 27.16 32.16
CA ALA A 91 8.19 25.86 32.69
C ALA A 91 8.36 24.84 31.57
N GLU A 92 7.46 24.85 30.58
CA GLU A 92 7.48 23.85 29.52
C GLU A 92 8.47 24.19 28.42
N ASP A 93 9.73 24.42 28.78
CA ASP A 93 10.76 24.71 27.78
C ASP A 93 12.07 23.98 28.02
N THR A 94 12.19 23.20 29.09
CA THR A 94 13.38 22.38 29.29
C THR A 94 13.41 21.29 28.23
N ALA A 95 14.43 21.29 27.39
CA ALA A 95 14.46 20.38 26.25
C ALA A 95 15.88 20.30 25.70
N VAL A 96 16.03 19.57 24.60
CA VAL A 96 17.28 19.53 23.85
C VAL A 96 17.02 20.14 22.49
N TYR A 97 17.85 21.10 22.10
CA TYR A 97 17.64 21.88 20.89
C TYR A 97 18.70 21.54 19.85
N TYR A 98 18.32 21.55 18.58
CA TYR A 98 19.27 21.34 17.49
C TYR A 98 18.77 22.07 16.25
N CYS A 99 19.69 22.26 15.31
CA CYS A 99 19.42 23.03 14.09
C CYS A 99 19.65 22.14 12.88
N ALA A 100 18.71 22.18 11.94
CA ALA A 100 18.75 21.36 10.74
C ALA A 100 18.73 22.24 9.50
N ARG A 101 19.21 21.68 8.39
CA ARG A 101 19.35 22.40 7.14
C ARG A 101 18.37 21.87 6.11
N TRP A 102 18.13 22.68 5.08
CA TRP A 102 17.22 22.33 4.00
C TRP A 102 17.65 23.06 2.74
N GLY A 103 17.35 22.47 1.58
CA GLY A 103 17.68 23.08 0.31
C GLY A 103 16.55 23.93 -0.26
N TYR A 104 16.76 24.41 -1.48
CA TYR A 104 15.85 25.33 -2.14
C TYR A 104 15.22 24.69 -3.38
N TRP A 105 13.96 25.02 -3.62
CA TRP A 105 13.28 24.58 -4.83
C TRP A 105 13.92 25.24 -6.06
N PRO A 106 14.04 24.52 -7.19
CA PRO A 106 13.63 23.13 -7.46
C PRO A 106 14.78 22.13 -7.52
N GLY A 107 14.46 20.86 -7.71
CA GLY A 107 15.44 19.83 -7.95
C GLY A 107 15.57 18.86 -6.80
N GLU A 108 16.72 18.18 -6.78
CA GLU A 108 17.02 17.23 -5.71
C GLU A 108 17.07 17.86 -4.31
N PRO A 109 17.72 19.01 -4.07
CA PRO A 109 17.88 19.47 -2.66
C PRO A 109 16.58 19.72 -1.93
N TRP A 110 15.49 20.01 -2.62
CA TRP A 110 14.24 20.25 -1.91
C TRP A 110 13.59 18.95 -1.43
N TRP A 111 13.71 17.87 -2.20
CA TRP A 111 13.02 16.64 -1.84
C TRP A 111 13.63 15.97 -0.61
N LYS A 112 14.93 16.13 -0.40
CA LYS A 112 15.59 15.65 0.82
C LYS A 112 15.41 16.69 1.91
N ALA A 113 14.62 16.35 2.94
CA ALA A 113 14.14 17.36 3.87
C ALA A 113 15.18 17.72 4.93
N PHE A 114 15.56 16.75 5.76
CA PHE A 114 16.37 16.98 6.97
C PHE A 114 17.56 16.05 6.98
N ASP A 115 18.30 16.02 5.88
CA ASP A 115 19.43 15.10 5.74
C ASP A 115 20.53 15.33 6.76
N TYR A 116 20.59 16.51 7.39
CA TYR A 116 21.59 16.77 8.42
C TYR A 116 20.95 17.45 9.62
N TRP A 117 21.39 17.07 10.82
CA TRP A 117 20.85 17.56 12.07
C TRP A 117 22.00 18.04 12.96
N GLY A 118 21.64 18.50 14.15
CA GLY A 118 22.61 18.90 15.16
C GLY A 118 22.54 18.01 16.39
N GLN A 119 23.65 17.95 17.13
CA GLN A 119 23.70 17.09 18.32
C GLN A 119 22.71 17.55 19.38
N GLY A 120 22.57 18.86 19.56
CA GLY A 120 21.64 19.40 20.52
C GLY A 120 22.32 19.93 21.77
N THR A 121 21.64 20.85 22.44
CA THR A 121 22.09 21.41 23.69
C THR A 121 20.93 21.44 24.67
N LEU A 122 21.25 21.34 25.96
CA LEU A 122 20.26 21.23 27.01
C LEU A 122 19.84 22.62 27.49
N VAL A 123 18.53 22.84 27.58
CA VAL A 123 17.98 24.08 28.14
C VAL A 123 17.09 23.69 29.31
N THR A 124 17.40 24.24 30.48
CA THR A 124 16.71 23.92 31.72
C THR A 124 16.29 25.21 32.41
N VAL A 125 15.03 25.29 32.81
CA VAL A 125 14.51 26.41 33.59
C VAL A 125 13.88 25.88 34.86
N SER A 126 14.28 26.44 36.00
CA SER A 126 13.81 25.98 37.30
C SER A 126 14.13 27.04 38.35
N SER A 127 13.20 27.25 39.27
CA SER A 127 13.41 28.18 40.38
C SER A 127 13.93 27.44 41.62
N ALA A 128 15.06 26.76 41.43
CA ALA A 128 15.67 25.97 42.49
C ALA A 128 17.17 26.19 42.49
N SER A 129 17.77 26.01 43.66
CA SER A 129 19.20 26.18 43.87
C SER A 129 19.83 24.85 44.25
N THR A 130 21.16 24.86 44.37
CA THR A 130 21.90 23.65 44.67
C THR A 130 21.60 23.16 46.09
N LYS A 131 21.46 21.85 46.24
CA LYS A 131 21.16 21.24 47.52
C LYS A 131 21.85 19.88 47.59
N GLY A 132 22.07 19.41 48.82
CA GLY A 132 22.66 18.12 49.05
C GLY A 132 21.61 17.05 49.34
N PRO A 133 21.91 15.80 48.97
CA PRO A 133 20.94 14.72 49.15
C PRO A 133 20.99 14.10 50.54
N SER A 134 19.87 13.49 50.91
CA SER A 134 19.75 12.71 52.14
C SER A 134 19.65 11.24 51.80
N VAL A 135 20.37 10.40 52.55
CA VAL A 135 20.53 8.99 52.25
C VAL A 135 19.86 8.17 53.35
N PHE A 136 19.04 7.20 52.95
CA PHE A 136 18.37 6.33 53.90
C PHE A 136 18.50 4.87 53.44
N PRO A 137 18.63 3.94 54.39
CA PRO A 137 18.73 2.53 54.04
C PRO A 137 17.36 1.85 54.00
N LEU A 138 17.34 0.66 53.39
CA LEU A 138 16.14 -0.17 53.31
C LEU A 138 16.48 -1.53 53.90
N ALA A 139 16.17 -1.71 55.18
CA ALA A 139 16.47 -2.96 55.85
C ALA A 139 15.49 -4.04 55.41
N PRO A 140 15.95 -5.28 55.27
CA PRO A 140 15.02 -6.37 54.94
C PRO A 140 14.02 -6.62 56.05
N SER A 141 12.82 -7.05 55.65
CA SER A 141 11.76 -7.31 56.61
C SER A 141 12.09 -8.56 57.43
N SER A 142 12.14 -8.41 58.74
CA SER A 142 12.44 -9.52 59.65
C SER A 142 11.19 -10.29 60.08
N LYS A 143 10.01 -9.88 59.62
CA LYS A 143 8.79 -10.59 59.99
C LYS A 143 8.74 -11.97 59.34
N SER A 144 8.78 -12.01 58.01
CA SER A 144 8.76 -13.27 57.28
C SER A 144 9.66 -13.12 56.07
N THR A 145 10.69 -13.98 55.98
CA THR A 145 11.62 -13.96 54.86
C THR A 145 11.81 -15.38 54.34
N SER A 146 12.02 -15.49 53.02
CA SER A 146 12.20 -16.76 52.36
C SER A 146 13.69 -17.06 52.21
N GLY A 147 14.02 -18.12 51.48
CA GLY A 147 15.39 -18.54 51.28
C GLY A 147 15.91 -18.07 49.93
N GLY A 148 17.06 -17.43 49.96
CA GLY A 148 17.70 -16.96 48.74
C GLY A 148 17.13 -15.71 48.14
N THR A 149 16.25 -15.00 48.86
CA THR A 149 15.54 -13.85 48.31
C THR A 149 15.55 -12.68 49.31
N ALA A 150 16.71 -12.36 49.88
CA ALA A 150 16.81 -11.16 50.69
C ALA A 150 17.04 -9.96 49.79
N ALA A 151 16.54 -8.80 50.22
CA ALA A 151 16.61 -7.58 49.42
C ALA A 151 17.23 -6.46 50.24
N LEU A 152 18.13 -5.70 49.61
CA LEU A 152 18.77 -4.55 50.23
C LEU A 152 18.69 -3.36 49.28
N GLY A 153 18.92 -2.17 49.81
CA GLY A 153 18.92 -0.99 48.97
C GLY A 153 19.10 0.27 49.77
N CYS A 154 19.44 1.34 49.06
CA CYS A 154 19.52 2.66 49.66
C CYS A 154 18.89 3.70 48.75
N LEU A 155 18.29 4.71 49.37
CA LEU A 155 17.51 5.74 48.70
C LEU A 155 18.16 7.09 48.96
N VAL A 156 18.43 7.84 47.89
CA VAL A 156 18.93 9.21 47.98
C VAL A 156 17.83 10.15 47.54
N LYS A 157 17.66 11.25 48.28
CA LYS A 157 16.52 12.13 48.07
C LYS A 157 16.96 13.58 48.12
N ASP A 158 16.21 14.43 47.39
CA ASP A 158 16.29 15.88 47.50
C ASP A 158 17.69 16.42 47.20
N TYR A 159 18.12 16.21 45.96
CA TYR A 159 19.36 16.77 45.45
C TYR A 159 19.08 17.56 44.18
N PHE A 160 19.93 18.55 43.92
CA PHE A 160 19.77 19.40 42.75
C PHE A 160 21.12 19.98 42.37
N PRO A 161 21.49 19.99 41.07
CA PRO A 161 20.73 19.44 39.94
C PRO A 161 21.22 18.07 39.49
N GLU A 162 20.62 17.57 38.43
CA GLU A 162 21.01 16.29 37.85
C GLU A 162 22.43 16.41 37.28
N PRO A 163 23.25 15.33 37.35
CA PRO A 163 23.02 14.00 37.89
C PRO A 163 23.73 13.69 39.21
N VAL A 164 23.49 12.49 39.73
CA VAL A 164 24.14 11.96 40.92
C VAL A 164 24.61 10.55 40.60
N THR A 165 25.65 10.10 41.31
CA THR A 165 26.24 8.80 41.06
C THR A 165 26.12 7.93 42.30
N VAL A 166 25.49 6.77 42.15
CA VAL A 166 25.30 5.82 43.24
C VAL A 166 25.94 4.49 42.84
N SER A 167 26.81 3.97 43.70
CA SER A 167 27.47 2.70 43.48
C SER A 167 27.32 1.83 44.73
N TRP A 168 27.45 0.53 44.54
CA TRP A 168 27.28 -0.45 45.61
C TRP A 168 28.63 -1.09 45.91
N ASN A 169 29.15 -0.83 47.12
CA ASN A 169 30.42 -1.38 47.60
C ASN A 169 31.56 -1.07 46.62
N SER A 170 31.60 0.18 46.16
CA SER A 170 32.60 0.67 45.21
C SER A 170 32.60 -0.16 43.93
N GLY A 171 31.41 -0.58 43.49
CA GLY A 171 31.26 -1.32 42.26
C GLY A 171 31.60 -2.79 42.34
N ALA A 172 31.96 -3.30 43.53
CA ALA A 172 32.30 -4.71 43.65
C ALA A 172 31.07 -5.60 43.50
N LEU A 173 29.95 -5.18 44.09
CA LEU A 173 28.71 -5.95 44.02
C LEU A 173 27.87 -5.43 42.87
N THR A 174 27.85 -6.18 41.76
CA THR A 174 27.10 -5.81 40.57
C THR A 174 26.36 -7.03 40.02
N SER A 175 25.84 -7.88 40.90
CA SER A 175 25.15 -9.09 40.46
C SER A 175 23.71 -8.80 40.08
N GLY A 176 22.91 -8.33 41.03
CA GLY A 176 21.51 -8.04 40.77
C GLY A 176 21.14 -6.61 41.10
N VAL A 177 22.04 -5.68 40.79
CA VAL A 177 21.84 -4.28 41.14
C VAL A 177 20.86 -3.64 40.18
N HIS A 178 19.93 -2.86 40.72
CA HIS A 178 18.97 -2.09 39.95
C HIS A 178 19.04 -0.64 40.43
N THR A 179 19.50 0.25 39.57
CA THR A 179 19.59 1.68 39.86
C THR A 179 18.46 2.36 39.09
N PHE A 180 17.49 2.91 39.81
CA PHE A 180 16.39 3.39 38.99
C PHE A 180 16.61 4.83 38.57
N PRO A 181 16.14 5.20 37.37
CA PRO A 181 16.36 6.58 36.88
C PRO A 181 15.68 7.61 37.75
N ALA A 182 16.31 8.78 37.82
CA ALA A 182 15.84 9.84 38.70
C ALA A 182 14.51 10.41 38.23
N VAL A 183 13.69 10.82 39.19
CA VAL A 183 12.41 11.44 38.92
C VAL A 183 12.44 12.86 39.46
N LEU A 184 11.49 13.67 38.99
CA LEU A 184 11.37 15.06 39.42
C LEU A 184 10.20 15.19 40.38
N GLN A 185 10.48 15.70 41.57
CA GLN A 185 9.46 15.87 42.60
C GLN A 185 8.68 17.16 42.36
N SER A 186 7.64 17.36 43.16
CA SER A 186 6.90 18.62 43.12
C SER A 186 7.71 19.77 43.71
N SER A 187 8.68 19.47 44.58
CA SER A 187 9.55 20.49 45.13
C SER A 187 10.56 21.02 44.13
N GLY A 188 10.81 20.28 43.05
CA GLY A 188 11.80 20.67 42.07
C GLY A 188 13.13 19.99 42.17
N LEU A 189 13.29 19.02 43.06
CA LEU A 189 14.52 18.26 43.22
C LEU A 189 14.32 16.83 42.75
N TYR A 190 15.34 16.01 42.91
CA TYR A 190 15.36 14.67 42.35
C TYR A 190 15.53 13.61 43.44
N SER A 191 15.05 12.40 43.13
CA SER A 191 15.18 11.24 44.01
C SER A 191 15.66 10.06 43.20
N LEU A 192 16.30 9.11 43.89
CA LEU A 192 16.84 7.93 43.23
C LEU A 192 16.94 6.81 44.26
N SER A 193 16.85 5.57 43.77
CA SER A 193 16.97 4.40 44.63
C SER A 193 17.79 3.33 43.94
N SER A 194 18.69 2.70 44.69
CA SER A 194 19.51 1.61 44.18
C SER A 194 19.29 0.39 45.08
N VAL A 195 18.89 -0.73 44.46
CA VAL A 195 18.52 -1.93 45.20
C VAL A 195 19.32 -3.11 44.66
N VAL A 196 19.31 -4.20 45.45
CA VAL A 196 20.03 -5.41 45.11
C VAL A 196 19.36 -6.59 45.80
N THR A 197 19.48 -7.76 45.18
CA THR A 197 18.93 -9.01 45.71
C THR A 197 20.06 -9.98 46.01
N VAL A 198 19.98 -10.61 47.17
CA VAL A 198 21.07 -11.48 47.66
C VAL A 198 20.47 -12.76 48.19
N PRO A 199 21.25 -13.85 48.15
CA PRO A 199 20.85 -15.07 48.87
C PRO A 199 20.66 -14.81 50.35
N SER A 200 19.64 -15.45 50.92
CA SER A 200 19.22 -15.19 52.29
C SER A 200 19.91 -16.18 53.23
N SER A 201 21.15 -15.84 53.59
CA SER A 201 21.86 -16.56 54.66
C SER A 201 21.52 -15.87 55.98
N SER A 202 20.33 -16.21 56.49
CA SER A 202 19.73 -15.54 57.65
C SER A 202 19.64 -14.04 57.42
N LEU A 203 18.84 -13.68 56.40
CA LEU A 203 18.70 -12.30 55.92
C LEU A 203 20.03 -11.72 55.45
N GLY A 204 20.95 -12.59 55.06
CA GLY A 204 22.25 -12.18 54.57
C GLY A 204 23.33 -12.08 55.62
N THR A 205 22.95 -11.89 56.89
CA THR A 205 23.80 -11.76 58.08
C THR A 205 25.05 -10.92 57.83
N GLN A 206 24.91 -9.87 57.02
CA GLN A 206 26.03 -9.03 56.64
C GLN A 206 25.54 -7.61 56.40
N THR A 207 26.47 -6.66 56.48
CA THR A 207 26.20 -5.26 56.25
C THR A 207 26.95 -4.81 55.01
N TYR A 208 26.27 -4.10 54.12
CA TYR A 208 26.86 -3.60 52.89
C TYR A 208 27.00 -2.08 52.94
N ILE A 209 27.76 -1.53 52.00
CA ILE A 209 28.00 -0.10 51.91
C ILE A 209 27.60 0.38 50.53
N CYS A 210 26.82 1.45 50.47
CA CYS A 210 26.49 2.11 49.22
C CYS A 210 27.00 3.55 49.27
N ASN A 211 27.62 3.98 48.17
CA ASN A 211 28.29 5.27 48.09
C ASN A 211 27.58 6.15 47.07
N VAL A 212 27.27 7.38 47.47
CA VAL A 212 26.60 8.34 46.61
C VAL A 212 27.44 9.62 46.55
N ASN A 213 27.66 10.12 45.34
CA ASN A 213 28.44 11.33 45.13
C ASN A 213 27.72 12.27 44.18
N HIS A 214 27.69 13.54 44.56
CA HIS A 214 27.06 14.63 43.80
C HIS A 214 28.11 15.68 43.52
N LYS A 215 28.35 15.95 42.23
CA LYS A 215 29.42 16.87 41.81
C LYS A 215 29.13 18.37 42.01
N PRO A 216 27.91 18.89 41.80
CA PRO A 216 27.77 20.36 41.96
C PRO A 216 27.82 20.80 43.41
N SER A 217 27.17 20.06 44.31
CA SER A 217 27.25 20.38 45.73
C SER A 217 28.48 19.78 46.41
N ASN A 218 29.25 18.98 45.68
CA ASN A 218 30.47 18.34 46.19
C ASN A 218 30.18 17.51 47.45
N THR A 219 29.25 16.57 47.31
CA THR A 219 28.77 15.77 48.42
C THR A 219 29.16 14.31 48.20
N LYS A 220 29.61 13.64 49.27
CA LYS A 220 29.97 12.23 49.21
C LYS A 220 29.49 11.56 50.50
N VAL A 221 28.50 10.68 50.39
CA VAL A 221 27.91 10.01 51.53
C VAL A 221 28.04 8.50 51.35
N ASP A 222 28.53 7.82 52.39
CA ASP A 222 28.60 6.36 52.41
C ASP A 222 27.63 5.85 53.48
N LYS A 223 26.73 4.96 53.08
CA LYS A 223 25.70 4.44 53.97
C LYS A 223 25.87 2.95 54.16
N LYS A 224 25.69 2.50 55.41
CA LYS A 224 25.80 1.10 55.78
C LYS A 224 24.40 0.51 55.99
N VAL A 225 24.13 -0.60 55.30
CA VAL A 225 22.85 -1.28 55.37
C VAL A 225 23.06 -2.61 56.10
N GLU A 226 22.23 -2.84 57.12
CA GLU A 226 22.31 -4.01 57.97
C GLU A 226 20.93 -4.66 58.10
N PRO A 227 20.88 -5.96 58.38
CA PRO A 227 19.58 -6.62 58.58
C PRO A 227 18.84 -6.03 59.78
N LYS A 228 17.52 -5.97 59.65
CA LYS A 228 16.66 -5.43 60.70
C LYS A 228 16.53 -6.41 61.87
N GLN B 3 -21.64 -11.79 31.06
CA GLN B 3 -21.33 -13.17 31.42
C GLN B 3 -20.41 -13.80 30.38
N VAL B 4 -19.13 -13.92 30.73
CA VAL B 4 -18.13 -14.53 29.85
C VAL B 4 -17.94 -15.96 30.35
N GLN B 5 -18.70 -16.89 29.78
CA GLN B 5 -18.60 -18.31 30.10
C GLN B 5 -17.79 -18.98 29.00
N LEU B 6 -16.51 -19.23 29.27
CA LEU B 6 -15.61 -19.80 28.28
C LEU B 6 -15.79 -21.31 28.27
N GLN B 7 -16.53 -21.81 27.29
CA GLN B 7 -16.77 -23.25 27.18
C GLN B 7 -15.58 -23.92 26.52
N GLU B 8 -15.08 -24.98 27.15
CA GLU B 8 -13.89 -25.67 26.67
C GLU B 8 -14.23 -27.11 26.30
N SER B 9 -13.46 -27.64 25.36
CA SER B 9 -13.65 -29.01 24.90
C SER B 9 -12.32 -29.56 24.42
N GLY B 10 -12.20 -30.88 24.46
CA GLY B 10 -10.96 -31.52 24.05
C GLY B 10 -11.02 -33.02 24.28
N GLY B 11 -9.87 -33.67 24.08
CA GLY B 11 -9.76 -35.10 24.18
C GLY B 11 -9.26 -35.56 25.54
N GLY B 12 -9.70 -36.74 25.95
CA GLY B 12 -9.33 -37.28 27.24
C GLY B 12 -8.06 -38.12 27.23
N LEU B 13 -7.99 -39.11 26.35
CA LEU B 13 -6.88 -40.05 26.30
C LEU B 13 -6.02 -39.79 25.08
N VAL B 14 -4.70 -39.87 25.27
CA VAL B 14 -3.72 -39.70 24.21
C VAL B 14 -2.50 -40.54 24.55
N GLN B 15 -1.62 -40.73 23.58
CA GLN B 15 -0.41 -41.51 23.72
C GLN B 15 0.81 -40.63 23.48
N PRO B 16 1.98 -41.01 24.01
CA PRO B 16 3.19 -40.21 23.76
C PRO B 16 3.50 -40.10 22.28
N GLY B 17 3.92 -38.90 21.87
CA GLY B 17 4.12 -38.60 20.47
C GLY B 17 2.88 -38.16 19.73
N GLY B 18 1.71 -38.19 20.38
CA GLY B 18 0.47 -37.84 19.72
C GLY B 18 0.20 -36.35 19.75
N SER B 19 -1.04 -36.01 19.38
CA SER B 19 -1.49 -34.62 19.32
C SER B 19 -2.87 -34.51 19.92
N LEU B 20 -3.32 -33.28 20.12
CA LEU B 20 -4.66 -33.00 20.62
C LEU B 20 -5.02 -31.57 20.28
N ARG B 21 -6.33 -31.30 20.23
CA ARG B 21 -6.85 -29.98 19.91
C ARG B 21 -7.87 -29.57 20.97
N LEU B 22 -7.48 -28.64 21.84
CA LEU B 22 -8.38 -28.05 22.81
C LEU B 22 -9.04 -26.82 22.20
N SER B 23 -10.33 -26.65 22.45
CA SER B 23 -11.08 -25.52 21.93
C SER B 23 -11.72 -24.76 23.08
N CYS B 24 -11.68 -23.43 23.00
CA CYS B 24 -12.29 -22.56 24.00
C CYS B 24 -13.10 -21.49 23.28
N ALA B 25 -14.41 -21.49 23.51
CA ALA B 25 -15.33 -20.59 22.82
C ALA B 25 -16.05 -19.70 23.83
N ALA B 26 -16.22 -18.43 23.48
CA ALA B 26 -16.90 -17.48 24.34
C ALA B 26 -18.40 -17.74 24.34
N SER B 27 -19.10 -17.07 25.25
CA SER B 27 -20.55 -17.20 25.42
C SER B 27 -21.26 -15.90 25.10
N GLY B 28 -20.81 -15.19 24.08
CA GLY B 28 -21.46 -13.98 23.64
C GLY B 28 -20.67 -12.69 23.80
N ARG B 29 -19.36 -12.76 24.01
CA ARG B 29 -18.54 -11.57 24.16
C ARG B 29 -17.37 -11.65 23.19
N THR B 30 -17.05 -10.51 22.56
CA THR B 30 -16.03 -10.49 21.53
C THR B 30 -14.64 -10.73 22.11
N ILE B 31 -13.81 -11.43 21.34
CA ILE B 31 -12.42 -11.66 21.75
C ILE B 31 -11.49 -10.57 21.24
N SER B 32 -11.95 -9.72 20.33
CA SER B 32 -11.11 -8.65 19.80
C SER B 32 -10.73 -7.62 20.86
N ARG B 33 -11.43 -7.59 21.99
CA ARG B 33 -11.16 -6.65 23.06
C ARG B 33 -10.09 -7.16 24.02
N TYR B 34 -10.28 -8.36 24.57
CA TYR B 34 -9.43 -8.92 25.59
C TYR B 34 -8.37 -9.84 24.98
N ALA B 35 -7.65 -10.54 25.86
CA ALA B 35 -6.67 -11.56 25.47
C ALA B 35 -7.03 -12.87 26.17
N MET B 36 -6.51 -13.98 25.65
CA MET B 36 -6.88 -15.31 26.13
C MET B 36 -5.69 -15.98 26.81
N SER B 37 -5.97 -16.83 27.80
CA SER B 37 -4.93 -17.50 28.55
C SER B 37 -5.31 -18.95 28.82
N TRP B 38 -4.30 -19.81 28.86
CA TRP B 38 -4.46 -21.23 29.14
C TRP B 38 -3.65 -21.59 30.39
N PHE B 39 -4.21 -22.46 31.22
CA PHE B 39 -3.60 -22.82 32.50
C PHE B 39 -3.73 -24.32 32.74
N ARG B 40 -2.82 -24.86 33.54
CA ARG B 40 -2.79 -26.28 33.90
C ARG B 40 -2.96 -26.43 35.40
N GLN B 41 -3.87 -27.31 35.83
CA GLN B 41 -4.04 -27.63 37.24
C GLN B 41 -3.87 -29.13 37.44
N ALA B 42 -2.99 -29.51 38.36
CA ALA B 42 -2.73 -30.90 38.67
C ALA B 42 -2.72 -31.10 40.17
N PRO B 43 -3.08 -32.28 40.65
CA PRO B 43 -2.99 -32.55 42.09
C PRO B 43 -1.55 -32.51 42.57
N GLY B 44 -1.34 -31.87 43.71
CA GLY B 44 -0.01 -31.72 44.27
C GLY B 44 0.80 -30.60 43.68
N LYS B 45 0.21 -29.76 42.82
CA LYS B 45 0.94 -28.67 42.18
C LYS B 45 0.05 -27.43 42.20
N GLU B 46 0.48 -26.40 41.47
CA GLU B 46 -0.22 -25.13 41.38
C GLU B 46 -0.62 -24.85 39.94
N ARG B 47 -1.51 -23.87 39.77
CA ARG B 47 -2.06 -23.53 38.46
C ARG B 47 -1.00 -22.77 37.65
N GLU B 48 -0.14 -23.52 37.00
CA GLU B 48 0.95 -22.93 36.22
C GLU B 48 0.42 -22.26 34.95
N PHE B 49 1.10 -21.21 34.53
CA PHE B 49 0.77 -20.51 33.30
C PHE B 49 1.24 -21.32 32.10
N VAL B 50 0.47 -21.27 31.02
CA VAL B 50 0.82 -22.05 29.81
C VAL B 50 1.05 -21.12 28.63
N ALA B 51 0.02 -20.39 28.21
CA ALA B 51 0.12 -19.58 27.01
C ALA B 51 -0.91 -18.47 27.04
N VAL B 52 -0.62 -17.40 26.30
CA VAL B 52 -1.50 -16.25 26.19
C VAL B 52 -1.54 -15.82 24.72
N ALA B 53 -2.73 -15.55 24.22
CA ALA B 53 -2.97 -15.04 22.87
C ALA B 53 -3.44 -13.60 22.98
N ARG B 54 -2.69 -12.70 22.36
CA ARG B 54 -2.93 -11.26 22.45
C ARG B 54 -3.76 -10.82 21.25
N ARG B 55 -3.93 -9.51 21.08
CA ARG B 55 -4.68 -8.99 19.95
C ARG B 55 -3.90 -9.19 18.66
N SER B 56 -4.62 -9.17 17.53
CA SER B 56 -4.03 -9.45 16.24
C SER B 56 -2.99 -8.40 15.87
N GLY B 57 -1.88 -8.86 15.28
CA GLY B 57 -0.76 -8.01 14.98
C GLY B 57 0.23 -7.82 16.11
N ASP B 58 -0.05 -8.38 17.28
CA ASP B 58 0.84 -8.26 18.43
C ASP B 58 1.51 -9.57 18.82
N GLY B 59 1.11 -10.69 18.24
CA GLY B 59 1.72 -11.97 18.56
C GLY B 59 1.09 -12.64 19.77
N ALA B 60 1.75 -13.71 20.19
CA ALA B 60 1.32 -14.49 21.34
C ALA B 60 2.55 -14.91 22.13
N PHE B 61 2.34 -15.31 23.38
CA PHE B 61 3.43 -15.66 24.27
C PHE B 61 3.16 -16.99 24.94
N TYR B 62 4.25 -17.68 25.30
CA TYR B 62 4.16 -19.00 25.91
C TYR B 62 5.07 -19.08 27.12
N ALA B 63 4.78 -20.04 28.00
CA ALA B 63 5.54 -20.22 29.23
C ALA B 63 6.84 -20.98 28.92
N ASP B 64 7.53 -21.41 29.98
CA ASP B 64 8.80 -22.10 29.86
C ASP B 64 8.67 -23.61 29.77
N SER B 65 7.44 -24.14 29.85
CA SER B 65 7.22 -25.58 29.81
C SER B 65 6.53 -26.06 28.54
N VAL B 66 6.03 -25.17 27.70
CA VAL B 66 5.31 -25.55 26.50
C VAL B 66 5.92 -24.87 25.28
N GLN B 67 7.21 -24.56 25.35
CA GLN B 67 7.88 -23.91 24.23
C GLN B 67 8.06 -24.89 23.08
N GLY B 68 7.72 -24.44 21.87
CA GLY B 68 7.86 -25.25 20.68
C GLY B 68 6.98 -26.49 20.62
N ARG B 69 5.97 -26.59 21.50
CA ARG B 69 5.09 -27.74 21.54
C ARG B 69 3.60 -27.39 21.58
N PHE B 70 3.24 -26.21 22.04
CA PHE B 70 1.85 -25.77 22.08
C PHE B 70 1.67 -24.62 21.10
N THR B 71 0.55 -24.63 20.37
CA THR B 71 0.26 -23.58 19.41
C THR B 71 -1.12 -23.01 19.68
N VAL B 72 -1.19 -21.69 19.83
CA VAL B 72 -2.46 -21.01 20.10
C VAL B 72 -2.90 -20.28 18.84
N SER B 73 -4.14 -20.50 18.44
CA SER B 73 -4.74 -19.84 17.30
C SER B 73 -6.01 -19.14 17.73
N ARG B 74 -6.33 -18.04 17.06
CA ARG B 74 -7.44 -17.17 17.44
C ARG B 74 -8.29 -16.89 16.21
N ASP B 75 -9.61 -17.07 16.33
CA ASP B 75 -10.53 -16.81 15.23
C ASP B 75 -11.61 -15.86 15.73
N ASP B 76 -11.63 -14.64 15.20
CA ASP B 76 -12.62 -13.66 15.60
C ASP B 76 -14.00 -13.95 15.00
N ALA B 77 -14.03 -14.61 13.84
CA ALA B 77 -15.32 -14.94 13.21
C ALA B 77 -16.13 -15.88 14.08
N LYS B 78 -15.49 -16.91 14.62
CA LYS B 78 -16.13 -17.77 15.61
C LYS B 78 -15.91 -17.30 17.04
N ASN B 79 -15.09 -16.27 17.23
CA ASN B 79 -14.77 -15.71 18.54
C ASN B 79 -14.27 -16.79 19.50
N THR B 80 -13.32 -17.59 19.02
CA THR B 80 -12.84 -18.75 19.75
C THR B 80 -11.33 -18.86 19.63
N VAL B 81 -10.75 -19.71 20.46
CA VAL B 81 -9.32 -19.97 20.45
C VAL B 81 -9.08 -21.47 20.50
N TYR B 82 -7.96 -21.88 19.90
CA TYR B 82 -7.60 -23.28 19.79
C TYR B 82 -6.18 -23.49 20.28
N LEU B 83 -5.97 -24.55 21.05
CA LEU B 83 -4.65 -24.93 21.55
C LEU B 83 -4.32 -26.30 20.97
N GLN B 84 -3.34 -26.33 20.07
CA GLN B 84 -2.88 -27.56 19.46
C GLN B 84 -1.65 -28.04 20.22
N MET B 85 -1.72 -29.26 20.75
CA MET B 85 -0.63 -29.85 21.51
C MET B 85 -0.03 -31.00 20.71
N ASN B 86 1.28 -30.95 20.52
CA ASN B 86 2.01 -31.95 19.75
C ASN B 86 3.23 -32.40 20.54
N SER B 87 3.69 -33.63 20.24
CA SER B 87 4.84 -34.23 20.90
C SER B 87 4.65 -34.28 22.42
N LEU B 88 3.55 -34.88 22.85
CA LEU B 88 3.17 -34.87 24.25
C LEU B 88 4.07 -35.81 25.06
N LYS B 89 3.90 -35.74 26.37
CA LYS B 89 4.66 -36.53 27.33
C LYS B 89 3.71 -37.00 28.42
N PRO B 90 4.04 -38.07 29.15
CA PRO B 90 3.14 -38.55 30.20
C PRO B 90 2.89 -37.58 31.34
N GLU B 91 3.73 -36.55 31.50
CA GLU B 91 3.62 -35.63 32.62
C GLU B 91 2.68 -34.46 32.37
N ASP B 92 1.99 -34.43 31.23
CA ASP B 92 1.06 -33.35 30.92
C ASP B 92 -0.36 -33.64 31.40
N THR B 93 -0.59 -34.77 32.06
CA THR B 93 -1.93 -35.13 32.51
C THR B 93 -2.39 -34.17 33.61
N ALA B 94 -3.48 -33.46 33.35
CA ALA B 94 -3.95 -32.39 34.22
C ALA B 94 -5.30 -31.90 33.72
N VAL B 95 -5.89 -30.96 34.44
CA VAL B 95 -7.10 -30.28 34.01
C VAL B 95 -6.68 -28.94 33.42
N TYR B 96 -7.02 -28.73 32.15
CA TYR B 96 -6.69 -27.49 31.46
C TYR B 96 -7.83 -26.50 31.59
N TYR B 97 -7.46 -25.23 31.77
CA TYR B 97 -8.42 -24.16 32.01
C TYR B 97 -8.18 -23.03 31.02
N CYS B 98 -9.26 -22.35 30.65
CA CYS B 98 -9.24 -21.25 29.70
C CYS B 98 -9.79 -20.02 30.39
N ALA B 99 -8.99 -18.96 30.46
CA ALA B 99 -9.36 -17.75 31.18
C ALA B 99 -9.20 -16.53 30.29
N ILE B 100 -9.93 -15.46 30.64
CA ILE B 100 -9.88 -14.23 29.85
C ILE B 100 -9.49 -13.06 30.76
N ASP B 101 -8.96 -12.02 30.12
CA ASP B 101 -8.50 -10.82 30.82
C ASP B 101 -9.64 -9.85 31.08
N SER B 102 -9.31 -8.68 31.62
CA SER B 102 -10.26 -7.60 31.77
C SER B 102 -9.68 -6.23 31.45
N ASP B 103 -8.43 -6.16 31.02
CA ASP B 103 -7.76 -4.89 30.76
C ASP B 103 -7.29 -4.83 29.31
N THR B 104 -7.53 -3.68 28.67
CA THR B 104 -7.13 -3.47 27.28
C THR B 104 -5.67 -3.10 27.14
N PHE B 105 -4.97 -2.82 28.25
CA PHE B 105 -3.53 -2.60 28.24
C PHE B 105 -2.77 -3.82 28.72
N TYR B 106 -3.45 -4.98 28.76
CA TYR B 106 -2.83 -6.28 29.03
C TYR B 106 -2.25 -6.38 30.44
N SER B 107 -3.07 -6.07 31.44
CA SER B 107 -2.76 -6.42 32.82
C SER B 107 -3.64 -7.60 33.23
N GLY B 108 -3.09 -8.48 34.06
CA GLY B 108 -3.80 -9.69 34.40
C GLY B 108 -4.94 -9.50 35.37
N SER B 109 -6.18 -9.61 34.87
CA SER B 109 -7.38 -9.63 35.70
C SER B 109 -8.21 -10.82 35.24
N TYR B 110 -7.92 -11.99 35.80
CA TYR B 110 -8.51 -13.25 35.34
C TYR B 110 -9.73 -13.58 36.20
N ASP B 111 -10.78 -12.80 35.99
CA ASP B 111 -12.04 -13.00 36.70
C ASP B 111 -13.02 -13.91 35.96
N TYR B 112 -12.68 -14.34 34.75
CA TYR B 112 -13.51 -15.24 33.96
C TYR B 112 -12.68 -16.47 33.59
N TRP B 113 -13.07 -17.61 34.16
CA TRP B 113 -12.33 -18.86 34.08
C TRP B 113 -13.16 -19.93 33.39
N GLY B 114 -12.49 -20.83 32.68
CA GLY B 114 -13.15 -22.01 32.15
C GLY B 114 -13.34 -23.07 33.22
N GLN B 115 -14.27 -23.99 32.96
CA GLN B 115 -14.53 -25.06 33.92
C GLN B 115 -13.40 -26.08 33.95
N GLY B 116 -12.79 -26.35 32.80
CA GLY B 116 -11.65 -27.26 32.73
C GLY B 116 -11.92 -28.53 31.96
N THR B 117 -10.88 -29.07 31.33
CA THR B 117 -10.95 -30.33 30.59
C THR B 117 -9.88 -31.26 31.13
N GLN B 118 -10.27 -32.46 31.54
CA GLN B 118 -9.32 -33.44 32.03
C GLN B 118 -8.56 -34.07 30.86
N VAL B 119 -7.24 -34.20 31.00
CA VAL B 119 -6.40 -34.85 30.01
C VAL B 119 -5.53 -35.87 30.74
N THR B 120 -5.70 -37.14 30.38
CA THR B 120 -4.94 -38.24 30.95
C THR B 120 -4.07 -38.85 29.86
N VAL B 121 -2.77 -38.92 30.10
CA VAL B 121 -1.82 -39.45 29.14
C VAL B 121 -0.97 -40.52 29.81
N SER B 122 -0.80 -41.65 29.12
CA SER B 122 -0.04 -42.77 29.66
C SER B 122 1.02 -43.23 28.67
N ASP C 2 1.50 21.91 8.56
CA ASP C 2 0.58 21.72 9.67
C ASP C 2 -0.43 20.62 9.33
N ILE C 3 0.09 19.49 8.85
CA ILE C 3 -0.72 18.33 8.51
C ILE C 3 -0.27 17.17 9.38
N GLN C 4 -1.22 16.53 10.04
CA GLN C 4 -0.91 15.48 11.01
C GLN C 4 -0.37 14.24 10.32
N MET C 5 0.33 13.41 11.10
CA MET C 5 0.88 12.13 10.65
C MET C 5 0.57 11.11 11.73
N THR C 6 -0.56 10.41 11.59
CA THR C 6 -0.97 9.42 12.57
C THR C 6 -0.19 8.13 12.39
N GLN C 7 0.38 7.63 13.48
CA GLN C 7 1.22 6.45 13.46
C GLN C 7 0.70 5.42 14.46
N SER C 8 0.84 4.15 14.10
CA SER C 8 0.43 3.04 14.94
C SER C 8 1.10 1.77 14.44
N PRO C 9 1.42 0.81 15.31
CA PRO C 9 1.20 0.77 16.77
C PRO C 9 2.26 1.54 17.54
N SER C 10 2.02 1.81 18.83
CA SER C 10 2.99 2.55 19.63
C SER C 10 4.25 1.72 19.87
N SER C 11 4.09 0.48 20.31
CA SER C 11 5.21 -0.40 20.59
C SER C 11 4.86 -1.82 20.18
N LEU C 12 5.82 -2.52 19.58
CA LEU C 12 5.62 -3.89 19.17
C LEU C 12 6.81 -4.75 19.59
N SER C 13 6.51 -6.01 19.90
CA SER C 13 7.50 -7.00 20.29
C SER C 13 7.72 -7.95 19.12
N ALA C 14 8.98 -8.16 18.75
CA ALA C 14 9.30 -8.99 17.61
C ALA C 14 10.51 -9.86 17.95
N SER C 15 10.70 -10.91 17.16
CA SER C 15 11.87 -11.76 17.27
C SER C 15 12.95 -11.23 16.33
N VAL C 16 14.02 -12.00 16.15
CA VAL C 16 15.11 -11.63 15.26
C VAL C 16 15.00 -12.46 14.00
N GLY C 17 14.88 -11.80 12.85
CA GLY C 17 14.78 -12.46 11.57
C GLY C 17 13.43 -12.32 10.89
N ASP C 18 12.39 -11.91 11.62
CA ASP C 18 11.08 -11.74 11.02
C ASP C 18 10.95 -10.35 10.40
N ARG C 19 9.83 -10.13 9.73
CA ARG C 19 9.56 -8.86 9.06
C ARG C 19 8.43 -8.12 9.76
N VAL C 20 8.57 -6.80 9.86
CA VAL C 20 7.61 -5.95 10.55
C VAL C 20 7.22 -4.80 9.62
N THR C 21 6.02 -4.27 9.84
CA THR C 21 5.47 -3.20 9.03
C THR C 21 4.85 -2.13 9.92
N ILE C 22 5.12 -0.87 9.56
CA ILE C 22 4.61 0.30 10.29
C ILE C 22 3.90 1.19 9.29
N THR C 23 2.72 1.69 9.67
CA THR C 23 1.88 2.49 8.79
C THR C 23 1.77 3.91 9.33
N CYS C 24 1.96 4.89 8.44
CA CYS C 24 1.75 6.29 8.75
C CYS C 24 0.69 6.85 7.80
N ARG C 25 -0.27 7.58 8.36
CA ARG C 25 -1.38 8.12 7.59
C ARG C 25 -1.41 9.64 7.71
N ALA C 26 -1.45 10.32 6.57
CA ALA C 26 -1.50 11.77 6.53
C ALA C 26 -2.95 12.25 6.59
N SER C 27 -3.13 13.46 7.11
CA SER C 27 -4.48 14.02 7.19
C SER C 27 -5.00 14.44 5.82
N GLN C 28 -4.11 14.88 4.93
CA GLN C 28 -4.50 15.31 3.60
C GLN C 28 -3.40 14.93 2.61
N SER C 29 -3.67 15.17 1.34
CA SER C 29 -2.77 14.76 0.27
C SER C 29 -1.53 15.65 0.29
N VAL C 30 -0.42 15.10 0.79
CA VAL C 30 0.86 15.78 0.75
C VAL C 30 1.69 15.30 -0.44
N SER C 31 1.06 14.64 -1.41
CA SER C 31 1.70 14.05 -2.59
C SER C 31 2.74 13.04 -2.12
N SER C 32 3.99 13.13 -2.56
CA SER C 32 5.01 12.11 -2.29
C SER C 32 6.15 12.68 -1.48
N ALA C 33 5.85 13.48 -0.45
CA ALA C 33 6.88 14.07 0.41
C ALA C 33 6.65 13.58 1.84
N VAL C 34 7.23 12.42 2.15
CA VAL C 34 7.14 11.81 3.48
C VAL C 34 8.51 11.22 3.82
N ALA C 35 8.96 11.42 5.05
CA ALA C 35 10.27 10.97 5.50
C ALA C 35 10.13 10.10 6.74
N TRP C 36 11.07 9.16 6.89
CA TRP C 36 11.14 8.27 8.04
C TRP C 36 12.45 8.52 8.79
N TYR C 37 12.38 8.50 10.11
CA TYR C 37 13.53 8.80 10.95
C TYR C 37 13.70 7.73 12.02
N GLN C 38 14.95 7.37 12.28
CA GLN C 38 15.33 6.41 13.32
C GLN C 38 16.13 7.11 14.40
N GLN C 39 15.75 6.89 15.65
CA GLN C 39 16.41 7.52 16.79
C GLN C 39 16.59 6.53 17.92
N LYS C 40 17.82 6.38 18.38
CA LYS C 40 18.13 5.69 19.62
C LYS C 40 17.94 6.65 20.80
N PRO C 41 17.63 6.14 21.99
CA PRO C 41 17.46 7.03 23.15
C PRO C 41 18.76 7.74 23.51
N GLY C 42 18.72 9.07 23.45
CA GLY C 42 19.87 9.89 23.76
C GLY C 42 20.70 10.36 22.58
N LYS C 43 20.18 10.25 21.35
CA LYS C 43 20.91 10.65 20.16
C LYS C 43 19.98 11.42 19.23
N ALA C 44 20.58 12.02 18.20
CA ALA C 44 19.84 12.78 17.20
C ALA C 44 19.18 11.85 16.19
N PRO C 45 18.01 12.24 15.67
CA PRO C 45 17.34 11.40 14.66
C PRO C 45 18.13 11.34 13.36
N LYS C 46 17.90 10.24 12.63
CA LYS C 46 18.53 10.01 11.34
C LYS C 46 17.47 9.72 10.28
N LEU C 47 17.76 10.09 9.05
CA LEU C 47 16.84 9.90 7.93
C LEU C 47 17.07 8.56 7.25
N LEU C 48 15.98 7.86 6.96
CA LEU C 48 16.03 6.54 6.34
C LEU C 48 15.45 6.55 4.93
N ILE C 49 14.22 7.00 4.77
CA ILE C 49 13.51 6.96 3.50
C ILE C 49 12.93 8.35 3.24
N TYR C 50 13.28 8.95 2.10
CA TYR C 50 12.71 10.22 1.68
C TYR C 50 11.90 10.04 0.41
N SER C 51 11.07 11.05 0.12
CA SER C 51 10.16 11.07 -1.01
C SER C 51 9.14 9.93 -0.97
N ALA C 52 8.99 9.32 0.20
CA ALA C 52 8.00 8.30 0.55
C ALA C 52 8.27 6.95 -0.11
N SER C 53 9.24 6.89 -1.02
CA SER C 53 9.65 5.63 -1.61
C SER C 53 11.16 5.47 -1.75
N SER C 54 11.95 6.53 -1.76
CA SER C 54 13.35 6.46 -2.12
C SER C 54 14.22 6.18 -0.90
N LEU C 55 15.32 5.47 -1.14
CA LEU C 55 16.23 5.06 -0.08
C LEU C 55 17.35 6.08 0.06
N TYR C 56 17.54 6.59 1.28
CA TYR C 56 18.63 7.50 1.55
C TYR C 56 19.96 6.80 1.41
N SER C 57 21.00 7.57 1.09
CA SER C 57 22.33 7.01 0.90
C SER C 57 22.89 6.53 2.23
N GLY C 58 23.36 5.28 2.25
CA GLY C 58 23.92 4.68 3.44
C GLY C 58 22.94 3.90 4.30
N VAL C 59 21.64 4.03 4.05
CA VAL C 59 20.64 3.30 4.82
C VAL C 59 20.59 1.85 4.31
N PRO C 60 20.60 0.86 5.19
CA PRO C 60 20.56 -0.54 4.73
C PRO C 60 19.26 -0.88 4.02
N SER C 61 19.36 -1.86 3.12
CA SER C 61 18.27 -2.22 2.21
C SER C 61 17.14 -2.98 2.89
N ARG C 62 17.24 -3.26 4.19
CA ARG C 62 16.16 -3.94 4.89
C ARG C 62 14.91 -3.07 5.02
N PHE C 63 15.06 -1.75 4.92
CA PHE C 63 13.95 -0.83 5.05
C PHE C 63 13.41 -0.50 3.66
N SER C 64 12.10 -0.60 3.51
CA SER C 64 11.43 -0.24 2.26
C SER C 64 10.23 0.64 2.56
N GLY C 65 10.00 1.62 1.69
CA GLY C 65 8.87 2.51 1.84
C GLY C 65 7.92 2.38 0.65
N SER C 66 6.63 2.43 0.93
CA SER C 66 5.62 2.33 -0.12
C SER C 66 4.53 3.36 0.13
N ARG C 67 3.96 3.87 -0.97
CA ARG C 67 2.89 4.85 -0.92
C ARG C 67 1.66 4.27 -1.60
N SER C 68 0.51 4.37 -0.93
CA SER C 68 -0.78 4.01 -1.50
C SER C 68 -1.74 5.15 -1.17
N GLY C 69 -1.88 6.08 -2.11
CA GLY C 69 -2.68 7.27 -1.88
C GLY C 69 -2.15 8.10 -0.73
N THR C 70 -2.88 8.11 0.38
CA THR C 70 -2.51 8.84 1.57
C THR C 70 -1.78 7.96 2.60
N ASP C 71 -1.76 6.65 2.39
CA ASP C 71 -1.11 5.74 3.32
C ASP C 71 0.35 5.52 2.94
N PHE C 72 1.21 5.43 3.95
CA PHE C 72 2.62 5.16 3.73
C PHE C 72 3.07 4.04 4.64
N THR C 73 3.93 3.16 4.13
CA THR C 73 4.31 1.94 4.82
C THR C 73 5.82 1.81 4.85
N LEU C 74 6.37 1.61 6.05
CA LEU C 74 7.76 1.26 6.26
C LEU C 74 7.85 -0.21 6.64
N THR C 75 8.68 -0.96 5.93
CA THR C 75 8.78 -2.41 6.12
C THR C 75 10.22 -2.79 6.36
N ILE C 76 10.45 -3.57 7.41
CA ILE C 76 11.76 -4.15 7.70
C ILE C 76 11.65 -5.65 7.47
N SER C 77 12.52 -6.18 6.61
CA SER C 77 12.42 -7.58 6.19
C SER C 77 13.14 -8.51 7.16
N SER C 78 14.44 -8.32 7.35
CA SER C 78 15.25 -9.14 8.24
C SER C 78 15.62 -8.29 9.45
N LEU C 79 14.89 -8.46 10.54
CA LEU C 79 15.04 -7.61 11.72
C LEU C 79 16.33 -7.97 12.43
N GLN C 80 17.38 -7.20 12.17
CA GLN C 80 18.67 -7.42 12.80
C GLN C 80 18.62 -6.98 14.27
N PRO C 81 19.53 -7.49 15.11
CA PRO C 81 19.54 -7.08 16.52
C PRO C 81 19.83 -5.61 16.75
N GLU C 82 20.46 -4.92 15.80
CA GLU C 82 20.75 -3.49 15.95
C GLU C 82 19.66 -2.61 15.36
N ASP C 83 18.42 -3.10 15.31
CA ASP C 83 17.30 -2.33 14.77
C ASP C 83 16.25 -2.04 15.83
N PHE C 84 16.58 -2.18 17.11
CA PHE C 84 15.64 -1.90 18.19
C PHE C 84 15.81 -0.44 18.60
N ALA C 85 14.99 0.43 18.02
CA ALA C 85 15.10 1.87 18.21
C ALA C 85 13.71 2.46 18.11
N THR C 86 13.64 3.78 17.92
CA THR C 86 12.38 4.49 17.76
C THR C 86 12.27 5.03 16.34
N TYR C 87 11.05 5.01 15.78
CA TYR C 87 10.83 5.37 14.38
C TYR C 87 9.72 6.39 14.26
N TYR C 88 9.99 7.49 13.55
CA TYR C 88 9.03 8.57 13.34
C TYR C 88 8.78 8.77 11.85
N CYS C 89 7.60 9.29 11.53
CA CYS C 89 7.25 9.71 10.17
C CYS C 89 6.94 11.20 10.17
N GLN C 90 7.40 11.90 9.14
CA GLN C 90 7.28 13.35 9.04
C GLN C 90 6.86 13.77 7.65
N GLN C 91 5.93 14.72 7.58
CA GLN C 91 5.49 15.30 6.32
C GLN C 91 6.03 16.72 6.18
N TYR C 92 6.46 17.05 4.97
CA TYR C 92 6.99 18.37 4.66
C TYR C 92 6.39 18.83 3.34
N LEU C 93 5.64 19.94 3.38
CA LEU C 93 5.06 20.47 2.17
C LEU C 93 5.60 21.85 1.82
N TYR C 94 5.55 22.78 2.77
CA TYR C 94 6.18 24.09 2.63
C TYR C 94 7.22 24.25 3.75
N TYR C 95 8.01 25.32 3.66
CA TYR C 95 9.05 25.56 4.65
C TYR C 95 8.49 25.72 6.05
N SER C 96 7.30 26.30 6.17
CA SER C 96 6.62 26.39 7.46
C SER C 96 5.66 25.23 7.69
N LEU C 97 5.56 24.29 6.75
CA LEU C 97 4.65 23.14 6.85
C LEU C 97 5.51 21.88 7.02
N VAL C 98 5.87 21.60 8.27
CA VAL C 98 6.64 20.42 8.65
C VAL C 98 6.03 19.84 9.91
N THR C 99 5.73 18.54 9.90
CA THR C 99 5.11 17.92 11.06
C THR C 99 5.57 16.48 11.23
N PHE C 100 5.99 16.13 12.44
CA PHE C 100 6.46 14.80 12.77
C PHE C 100 5.33 13.94 13.32
N GLY C 101 5.64 12.66 13.59
CA GLY C 101 4.70 11.72 14.15
C GLY C 101 4.98 11.38 15.60
N GLN C 102 4.14 10.50 16.14
CA GLN C 102 4.26 10.13 17.54
C GLN C 102 5.47 9.24 17.80
N GLY C 103 5.69 8.25 16.95
CA GLY C 103 6.80 7.33 17.11
C GLY C 103 6.33 5.93 17.50
N THR C 104 7.24 4.98 17.32
CA THR C 104 6.98 3.59 17.68
C THR C 104 8.29 2.95 18.12
N LYS C 105 8.17 1.93 18.97
CA LYS C 105 9.34 1.28 19.55
C LYS C 105 9.24 -0.24 19.38
N VAL C 106 10.35 -0.86 18.99
CA VAL C 106 10.43 -2.29 18.77
C VAL C 106 11.27 -2.93 19.87
N GLU C 107 10.77 -4.01 20.45
CA GLU C 107 11.47 -4.70 21.53
C GLU C 107 11.55 -6.19 21.22
N ILE C 108 12.23 -6.92 22.11
CA ILE C 108 12.62 -8.31 21.87
C ILE C 108 11.59 -9.27 22.44
N LYS C 109 11.33 -10.34 21.70
CA LYS C 109 10.40 -11.38 22.12
C LYS C 109 11.02 -12.29 23.17
N ARG C 110 10.22 -12.64 24.18
CA ARG C 110 10.70 -13.47 25.28
C ARG C 110 9.53 -14.26 25.86
N THR C 111 9.86 -15.35 26.54
CA THR C 111 8.85 -16.13 27.26
C THR C 111 8.42 -15.40 28.54
N VAL C 112 7.21 -15.71 28.97
CA VAL C 112 6.61 -15.02 30.11
C VAL C 112 7.31 -15.41 31.40
N ALA C 113 7.61 -14.42 32.24
CA ALA C 113 8.18 -14.61 33.57
C ALA C 113 7.23 -14.02 34.61
N ALA C 114 7.64 -14.08 35.88
CA ALA C 114 6.80 -13.65 36.98
C ALA C 114 7.57 -12.73 37.91
N PRO C 115 6.93 -11.67 38.41
CA PRO C 115 7.64 -10.72 39.28
C PRO C 115 7.82 -11.25 40.70
N SER C 116 8.97 -10.93 41.27
CA SER C 116 9.24 -11.17 42.69
C SER C 116 9.00 -9.88 43.45
N VAL C 117 8.08 -9.92 44.41
CA VAL C 117 7.57 -8.73 45.07
C VAL C 117 8.21 -8.61 46.46
N PHE C 118 8.71 -7.42 46.77
CA PHE C 118 9.31 -7.13 48.07
C PHE C 118 8.80 -5.81 48.59
N ILE C 119 8.84 -5.65 49.92
CA ILE C 119 8.44 -4.42 50.58
C ILE C 119 9.51 -4.07 51.60
N PHE C 120 9.57 -2.78 51.96
CA PHE C 120 10.58 -2.26 52.87
C PHE C 120 9.94 -1.30 53.86
N PRO C 121 10.45 -1.24 55.08
CA PRO C 121 9.96 -0.25 56.05
C PRO C 121 10.81 1.01 56.01
N PRO C 122 10.24 2.16 56.33
CA PRO C 122 11.03 3.39 56.39
C PRO C 122 12.05 3.35 57.51
N SER C 123 13.19 3.99 57.27
CA SER C 123 14.28 4.01 58.23
C SER C 123 14.00 5.01 59.34
N ASP C 124 14.79 4.91 60.41
CA ASP C 124 14.61 5.78 61.57
C ASP C 124 14.86 7.25 61.23
N SER C 125 15.91 7.51 60.47
CA SER C 125 16.21 8.88 60.06
C SER C 125 15.10 9.46 59.21
N GLN C 126 14.52 8.64 58.32
CA GLN C 126 13.44 9.11 57.46
C GLN C 126 12.20 9.46 58.26
N LEU C 127 11.86 8.65 59.26
CA LEU C 127 10.68 8.92 60.08
C LEU C 127 10.93 9.99 61.15
N LYS C 128 12.20 10.33 61.42
CA LYS C 128 12.50 11.32 62.44
C LYS C 128 12.91 12.68 61.89
N SER C 129 13.24 12.78 60.60
CA SER C 129 13.74 14.03 60.02
C SER C 129 12.87 14.57 58.91
N GLY C 130 11.80 13.87 58.53
CA GLY C 130 10.96 14.38 57.45
C GLY C 130 9.92 13.37 57.02
N THR C 131 9.50 13.49 55.76
CA THR C 131 8.48 12.61 55.21
C THR C 131 9.00 11.20 55.07
N ALA C 132 8.13 10.22 55.33
CA ALA C 132 8.49 8.81 55.26
C ALA C 132 8.14 8.23 53.89
N SER C 133 9.03 7.37 53.41
CA SER C 133 8.87 6.71 52.11
C SER C 133 8.84 5.20 52.30
N VAL C 134 7.87 4.55 51.64
CA VAL C 134 7.74 3.10 51.61
C VAL C 134 7.94 2.64 50.18
N VAL C 135 8.79 1.64 49.99
CA VAL C 135 9.18 1.18 48.65
C VAL C 135 8.62 -0.21 48.43
N CYS C 136 8.01 -0.42 47.25
CA CYS C 136 7.59 -1.74 46.80
C CYS C 136 8.37 -2.09 45.54
N LEU C 137 8.93 -3.29 45.51
CA LEU C 137 9.89 -3.68 44.49
C LEU C 137 9.39 -4.89 43.72
N LEU C 138 9.54 -4.84 42.39
CA LEU C 138 9.32 -5.97 41.50
C LEU C 138 10.66 -6.29 40.85
N ASN C 139 11.22 -7.47 41.16
CA ASN C 139 12.60 -7.75 40.78
C ASN C 139 12.73 -7.96 39.27
N ASN C 140 12.05 -8.97 38.73
CA ASN C 140 12.20 -9.30 37.32
C ASN C 140 10.89 -9.88 36.81
N PHE C 141 10.39 -9.34 35.70
CA PHE C 141 9.20 -9.90 35.08
C PHE C 141 9.16 -9.49 33.61
N TYR C 142 8.31 -10.19 32.85
CA TYR C 142 8.12 -9.99 31.43
C TYR C 142 6.67 -10.38 31.14
N PRO C 143 5.96 -9.66 30.27
CA PRO C 143 6.35 -8.46 29.52
C PRO C 143 6.37 -7.19 30.38
N ARG C 144 6.34 -6.02 29.73
CA ARG C 144 6.50 -4.74 30.40
C ARG C 144 5.18 -4.20 30.94
N GLU C 145 4.20 -5.07 31.12
CA GLU C 145 2.93 -4.69 31.71
C GLU C 145 2.86 -5.18 33.15
N ALA C 146 2.40 -4.32 34.05
CA ALA C 146 2.27 -4.65 35.45
C ALA C 146 1.27 -3.72 36.10
N LYS C 147 0.76 -4.13 37.25
CA LYS C 147 -0.12 -3.28 38.05
C LYS C 147 0.26 -3.40 39.51
N VAL C 148 0.64 -2.28 40.11
CA VAL C 148 1.08 -2.22 41.50
C VAL C 148 0.09 -1.33 42.24
N GLN C 149 -0.55 -1.89 43.27
CA GLN C 149 -1.49 -1.16 44.11
C GLN C 149 -0.97 -1.12 45.54
N TRP C 150 -1.26 -0.01 46.23
CA TRP C 150 -0.90 0.17 47.62
C TRP C 150 -2.15 0.11 48.48
N LYS C 151 -2.00 -0.35 49.73
CA LYS C 151 -3.14 -0.48 50.63
C LYS C 151 -2.69 -0.17 52.05
N VAL C 152 -3.37 0.78 52.68
CA VAL C 152 -3.23 1.07 54.10
C VAL C 152 -4.61 0.94 54.74
N ASP C 153 -4.70 0.10 55.77
CA ASP C 153 -5.90 -0.16 56.58
C ASP C 153 -7.19 -0.18 55.75
N ASN C 154 -7.16 -0.96 54.66
CA ASN C 154 -8.28 -1.14 53.74
C ASN C 154 -8.75 0.18 53.13
N ALA C 155 -7.78 1.05 52.80
CA ALA C 155 -8.06 2.30 52.11
C ALA C 155 -7.14 2.41 50.91
N LEU C 156 -7.70 2.74 49.76
CA LEU C 156 -6.90 2.85 48.54
C LEU C 156 -5.98 4.06 48.61
N GLN C 157 -4.82 3.94 47.98
CA GLN C 157 -3.80 4.98 47.99
C GLN C 157 -3.73 5.61 46.59
N SER C 158 -4.46 6.71 46.41
CA SER C 158 -4.45 7.46 45.16
C SER C 158 -3.69 8.78 45.28
N GLY C 159 -3.03 9.02 46.41
CA GLY C 159 -2.34 10.27 46.64
C GLY C 159 -0.93 10.32 46.11
N ASN C 160 -0.09 9.39 46.54
CA ASN C 160 1.33 9.39 46.21
C ASN C 160 1.68 8.19 45.34
N SER C 161 2.57 8.42 44.39
CA SER C 161 3.13 7.37 43.54
C SER C 161 4.36 7.90 42.81
N GLN C 162 5.47 7.18 42.88
CA GLN C 162 6.72 7.58 42.22
C GLN C 162 7.30 6.40 41.44
N GLU C 163 6.46 5.74 40.66
CA GLU C 163 6.86 4.53 39.94
C GLU C 163 7.87 4.88 38.86
N SER C 164 9.02 4.22 38.91
CA SER C 164 10.07 4.35 37.90
C SER C 164 10.38 2.97 37.34
N VAL C 165 10.41 2.85 36.02
CA VAL C 165 10.58 1.57 35.33
C VAL C 165 11.94 1.54 34.66
N THR C 166 12.71 0.50 34.96
CA THR C 166 13.96 0.27 34.26
C THR C 166 13.68 -0.17 32.84
N GLU C 167 14.67 0.02 31.97
CA GLU C 167 14.57 -0.40 30.57
C GLU C 167 14.84 -1.90 30.48
N GLN C 168 14.97 -2.40 29.25
CA GLN C 168 15.19 -3.83 29.03
C GLN C 168 16.59 -4.24 29.46
N ASP C 169 16.68 -5.25 30.31
CA ASP C 169 17.96 -5.74 30.79
C ASP C 169 18.73 -6.42 29.67
N SER C 170 20.05 -6.26 29.69
CA SER C 170 20.90 -6.82 28.66
C SER C 170 21.21 -8.29 28.87
N LYS C 171 20.82 -8.86 30.01
CA LYS C 171 21.11 -10.27 30.33
C LYS C 171 19.91 -11.18 30.11
N ASP C 172 18.77 -10.87 30.75
CA ASP C 172 17.60 -11.73 30.69
C ASP C 172 16.38 -11.06 30.07
N SER C 173 16.53 -9.83 29.56
CA SER C 173 15.48 -9.13 28.81
C SER C 173 14.20 -8.96 29.62
N THR C 174 14.34 -8.73 30.92
CA THR C 174 13.20 -8.44 31.78
C THR C 174 13.15 -6.94 32.09
N TYR C 175 12.01 -6.53 32.66
CA TYR C 175 11.79 -5.13 33.02
C TYR C 175 11.50 -5.07 34.51
N SER C 176 12.27 -4.25 35.22
CA SER C 176 12.10 -4.05 36.65
C SER C 176 11.40 -2.74 36.93
N LEU C 177 10.72 -2.68 38.07
CA LEU C 177 9.95 -1.50 38.44
C LEU C 177 10.22 -1.18 39.91
N SER C 178 10.11 0.10 40.25
CA SER C 178 10.22 0.55 41.63
C SER C 178 9.10 1.54 41.91
N SER C 179 8.20 1.18 42.82
CA SER C 179 7.11 2.05 43.24
C SER C 179 7.45 2.65 44.59
N THR C 180 7.41 3.98 44.68
CA THR C 180 7.76 4.68 45.89
C THR C 180 6.54 5.48 46.39
N LEU C 181 6.30 5.39 47.69
CA LEU C 181 5.17 6.05 48.36
C LEU C 181 5.76 6.91 49.47
N THR C 182 6.09 8.16 49.15
CA THR C 182 6.69 9.09 50.10
C THR C 182 5.63 10.11 50.48
N LEU C 183 5.08 9.99 51.70
CA LEU C 183 3.94 10.83 52.06
C LEU C 183 4.25 11.82 53.18
N SER C 184 4.64 11.34 54.36
CA SER C 184 4.85 12.18 55.55
C SER C 184 5.29 11.27 56.69
N LYS C 185 5.66 11.88 57.80
CA LYS C 185 5.86 11.14 59.03
C LYS C 185 4.58 10.97 59.84
N ALA C 186 3.69 11.98 59.82
CA ALA C 186 2.45 11.89 60.57
C ALA C 186 1.57 10.75 60.06
N ASP C 187 1.46 10.61 58.74
CA ASP C 187 0.72 9.49 58.17
C ASP C 187 1.42 8.16 58.44
N TYR C 188 2.75 8.18 58.56
CA TYR C 188 3.49 6.94 58.82
C TYR C 188 3.23 6.43 60.24
N GLU C 189 3.28 7.31 61.23
CA GLU C 189 3.01 6.92 62.61
C GLU C 189 1.54 7.03 62.98
N LYS C 190 0.67 7.37 62.03
CA LYS C 190 -0.77 7.36 62.27
C LYS C 190 -1.42 6.02 61.91
N HIS C 191 -0.71 5.15 61.19
CA HIS C 191 -1.24 3.87 60.75
C HIS C 191 -0.23 2.78 61.05
N LYS C 192 -0.69 1.53 60.97
CA LYS C 192 0.12 0.37 61.33
C LYS C 192 0.40 -0.54 60.14
N VAL C 193 -0.63 -0.94 59.41
CA VAL C 193 -0.51 -1.96 58.37
C VAL C 193 -0.24 -1.29 57.02
N TYR C 194 0.73 -1.84 56.28
CA TYR C 194 1.00 -1.43 54.91
C TYR C 194 1.08 -2.67 54.05
N ALA C 195 0.55 -2.59 52.83
CA ALA C 195 0.52 -3.76 51.96
C ALA C 195 0.61 -3.34 50.50
N CYS C 196 1.23 -4.20 49.71
CA CYS C 196 1.24 -4.08 48.26
C CYS C 196 0.24 -5.06 47.66
N GLU C 197 0.02 -4.92 46.35
CA GLU C 197 -0.77 -5.89 45.59
C GLU C 197 -0.33 -5.79 44.14
N VAL C 198 0.33 -6.83 43.64
CA VAL C 198 0.94 -6.81 42.32
C VAL C 198 0.23 -7.84 41.43
N THR C 199 -0.23 -7.38 40.26
CA THR C 199 -0.82 -8.25 39.26
C THR C 199 -0.03 -8.15 37.97
N HIS C 200 0.18 -9.30 37.34
CA HIS C 200 0.97 -9.43 36.12
C HIS C 200 0.22 -10.33 35.15
N GLN C 201 0.61 -10.24 33.87
CA GLN C 201 -0.06 -11.00 32.82
C GLN C 201 0.11 -12.50 33.02
N GLY C 202 1.31 -12.94 33.42
CA GLY C 202 1.58 -14.35 33.59
C GLY C 202 1.42 -14.85 35.01
N LEU C 203 0.37 -14.37 35.70
CA LEU C 203 0.06 -14.79 37.06
C LEU C 203 -1.41 -15.12 37.16
N SER C 204 -1.73 -16.21 37.86
CA SER C 204 -3.10 -16.58 38.13
C SER C 204 -3.65 -15.92 39.39
N SER C 205 -2.80 -15.25 40.17
CA SER C 205 -3.23 -14.61 41.41
C SER C 205 -2.28 -13.48 41.72
N PRO C 206 -2.76 -12.38 42.30
CA PRO C 206 -1.85 -11.28 42.68
C PRO C 206 -0.96 -11.67 43.85
N VAL C 207 0.21 -11.05 43.89
CA VAL C 207 1.17 -11.26 44.99
C VAL C 207 1.06 -10.08 45.95
N THR C 208 0.90 -10.38 47.23
CA THR C 208 0.77 -9.37 48.27
C THR C 208 1.90 -9.50 49.26
N LYS C 209 2.62 -8.40 49.51
CA LYS C 209 3.61 -8.31 50.56
C LYS C 209 3.19 -7.22 51.53
N SER C 210 3.14 -7.55 52.81
CA SER C 210 2.62 -6.63 53.82
C SER C 210 3.53 -6.63 55.03
N PHE C 211 3.46 -5.53 55.79
CA PHE C 211 4.16 -5.43 57.06
C PHE C 211 3.45 -4.44 57.96
N ASN C 212 3.53 -4.69 59.26
CA ASN C 212 2.92 -3.86 60.29
C ASN C 212 4.00 -3.27 61.18
N ARG C 213 3.76 -2.06 61.66
CA ARG C 213 4.70 -1.39 62.56
C ARG C 213 4.04 -1.08 63.90
N SER D 29 -31.40 -39.87 -59.72
CA SER D 29 -30.88 -38.77 -58.91
C SER D 29 -31.79 -38.50 -57.72
N PRO D 30 -31.65 -39.30 -56.66
CA PRO D 30 -32.50 -39.08 -55.48
C PRO D 30 -32.24 -37.76 -54.78
N PHE D 31 -30.99 -37.47 -54.45
CA PHE D 31 -30.61 -36.19 -53.87
C PHE D 31 -30.01 -35.30 -54.94
N TYR D 32 -30.24 -34.00 -54.81
CA TYR D 32 -29.81 -33.00 -55.79
C TYR D 32 -30.39 -33.32 -57.17
N ARG D 33 -31.72 -33.24 -57.25
CA ARG D 33 -32.42 -33.60 -58.48
C ARG D 33 -32.01 -32.72 -59.65
N CYS D 34 -31.89 -31.41 -59.43
CA CYS D 34 -31.48 -30.50 -60.48
C CYS D 34 -29.99 -30.62 -60.69
N GLN D 35 -29.60 -31.41 -61.69
CA GLN D 35 -28.21 -31.55 -62.10
C GLN D 35 -28.21 -31.88 -63.59
N ASN D 36 -27.49 -31.08 -64.37
CA ASN D 36 -27.55 -31.10 -65.83
C ASN D 36 -28.99 -30.92 -66.32
N THR D 37 -29.72 -30.03 -65.64
CA THR D 37 -31.11 -29.75 -65.96
C THR D 37 -31.18 -28.47 -66.78
N THR D 38 -31.76 -28.56 -67.98
CA THR D 38 -31.75 -27.42 -68.90
C THR D 38 -32.68 -26.30 -68.44
N SER D 39 -33.87 -26.66 -67.98
CA SER D 39 -34.87 -25.66 -67.60
C SER D 39 -34.46 -24.98 -66.30
N VAL D 40 -34.26 -23.66 -66.35
CA VAL D 40 -33.82 -22.89 -65.20
C VAL D 40 -35.00 -22.20 -64.50
N GLU D 41 -36.21 -22.65 -64.76
CA GLU D 41 -37.40 -22.05 -64.16
C GLU D 41 -37.79 -22.72 -62.85
N LYS D 42 -36.99 -23.65 -62.34
CA LYS D 42 -37.32 -24.36 -61.12
C LYS D 42 -37.24 -23.43 -59.90
N GLY D 43 -36.17 -22.66 -59.79
CA GLY D 43 -35.90 -21.88 -58.60
C GLY D 43 -36.76 -20.66 -58.39
N ASN D 44 -36.63 -19.67 -59.28
CA ASN D 44 -37.30 -18.40 -59.07
C ASN D 44 -37.59 -17.75 -60.41
N SER D 45 -38.56 -16.83 -60.40
CA SER D 45 -38.88 -15.98 -61.56
C SER D 45 -38.86 -14.53 -61.07
N ALA D 46 -37.68 -13.92 -61.09
CA ALA D 46 -37.51 -12.56 -60.59
C ALA D 46 -36.20 -12.00 -61.11
N VAL D 47 -36.07 -10.68 -61.04
CA VAL D 47 -34.85 -10.00 -61.43
C VAL D 47 -34.49 -8.93 -60.40
N MET D 48 -33.54 -9.25 -59.52
CA MET D 48 -33.09 -8.31 -58.51
C MET D 48 -31.59 -8.31 -58.28
N GLY D 49 -30.82 -9.09 -59.05
CA GLY D 49 -29.37 -9.07 -58.90
C GLY D 49 -28.69 -7.92 -59.58
N GLY D 50 -29.31 -7.37 -60.63
CA GLY D 50 -28.71 -6.24 -61.33
C GLY D 50 -28.61 -5.00 -60.48
N VAL D 51 -29.66 -4.69 -59.72
CA VAL D 51 -29.61 -3.52 -58.85
C VAL D 51 -28.60 -3.70 -57.74
N LEU D 52 -28.47 -4.94 -57.22
CA LEU D 52 -27.47 -5.21 -56.19
C LEU D 52 -26.06 -5.05 -56.76
N PHE D 53 -25.82 -5.58 -57.96
CA PHE D 53 -24.52 -5.45 -58.59
C PHE D 53 -24.17 -3.99 -58.86
N SER D 54 -25.13 -3.21 -59.35
CA SER D 54 -24.89 -1.79 -59.62
C SER D 54 -24.64 -1.02 -58.33
N THR D 55 -25.40 -1.31 -57.27
CA THR D 55 -25.20 -0.65 -55.99
C THR D 55 -23.82 -0.94 -55.44
N GLY D 56 -23.41 -2.22 -55.50
CA GLY D 56 -22.07 -2.57 -55.03
C GLY D 56 -20.98 -1.92 -55.87
N LEU D 57 -21.16 -1.89 -57.19
CA LEU D 57 -20.14 -1.30 -58.06
C LEU D 57 -19.98 0.19 -57.79
N LEU D 58 -21.10 0.92 -57.73
CA LEU D 58 -21.02 2.36 -57.47
C LEU D 58 -20.45 2.65 -56.08
N GLY D 59 -20.90 1.90 -55.06
CA GLY D 59 -20.39 2.12 -53.72
C GLY D 59 -18.91 1.83 -53.61
N ASN D 60 -18.45 0.77 -54.26
CA ASN D 60 -17.03 0.43 -54.22
C ASN D 60 -16.18 1.47 -54.96
N LEU D 61 -16.68 1.96 -56.11
CA LEU D 61 -15.96 3.02 -56.81
C LEU D 61 -15.88 4.29 -55.96
N LEU D 62 -16.99 4.67 -55.33
CA LEU D 62 -17.00 5.86 -54.46
C LEU D 62 -16.02 5.69 -53.30
N ALA D 63 -16.06 4.54 -52.63
CA ALA D 63 -15.17 4.31 -51.50
C ALA D 63 -13.70 4.28 -51.94
N LEU D 64 -13.42 3.66 -53.08
CA LEU D 64 -12.05 3.59 -53.58
C LEU D 64 -11.52 4.98 -53.89
N GLY D 65 -12.32 5.81 -54.57
CA GLY D 65 -11.88 7.16 -54.87
C GLY D 65 -11.70 8.01 -53.62
N LEU D 66 -12.65 7.94 -52.69
CA LEU D 66 -12.56 8.74 -51.47
C LEU D 66 -11.37 8.33 -50.62
N LEU D 67 -11.08 7.03 -50.56
CA LEU D 67 -9.95 6.56 -49.77
C LEU D 67 -8.62 6.79 -50.45
N ALA D 68 -8.58 6.77 -51.78
CA ALA D 68 -7.32 6.92 -52.51
C ALA D 68 -7.01 8.35 -52.90
N ARG D 69 -7.93 9.29 -52.66
CA ARG D 69 -7.65 10.70 -52.94
C ARG D 69 -7.19 11.45 -51.69
N SER D 70 -7.93 11.36 -50.59
CA SER D 70 -7.54 12.07 -49.37
C SER D 70 -6.35 11.42 -48.67
N GLY D 71 -6.10 10.15 -48.90
CA GLY D 71 -5.00 9.46 -48.27
C GLY D 71 -3.81 9.26 -49.17
N LEU D 72 -3.76 10.00 -50.29
CA LEU D 72 -2.70 9.90 -51.29
C LEU D 72 -2.54 8.47 -51.79
N GLY D 73 -3.65 7.77 -51.98
CA GLY D 73 -3.63 6.40 -52.45
C GLY D 73 -4.15 5.42 -51.41
N SER D 85 -1.35 5.12 -42.80
CA SER D 85 -2.00 4.24 -41.84
C SER D 85 -2.19 2.86 -42.43
N VAL D 86 -1.63 1.84 -41.75
CA VAL D 86 -1.72 0.47 -42.23
C VAL D 86 -3.16 -0.04 -42.17
N PHE D 87 -3.94 0.44 -41.21
CA PHE D 87 -5.33 0.03 -41.08
C PHE D 87 -6.13 0.39 -42.32
N TYR D 88 -5.97 1.62 -42.81
CA TYR D 88 -6.69 2.03 -44.01
C TYR D 88 -6.15 1.33 -45.25
N MET D 89 -4.87 0.97 -45.25
CA MET D 89 -4.34 0.16 -46.35
C MET D 89 -5.00 -1.21 -46.39
N LEU D 90 -5.19 -1.82 -45.21
CA LEU D 90 -5.91 -3.10 -45.15
C LEU D 90 -7.34 -2.94 -45.63
N VAL D 91 -8.00 -1.86 -45.23
CA VAL D 91 -9.39 -1.63 -45.65
C VAL D 91 -9.46 -1.46 -47.17
N CYS D 92 -8.52 -0.70 -47.74
CA CYS D 92 -8.55 -0.47 -49.19
C CYS D 92 -8.27 -1.75 -49.95
N GLY D 93 -7.32 -2.56 -49.47
CA GLY D 93 -7.06 -3.84 -50.11
C GLY D 93 -8.25 -4.77 -50.06
N LEU D 94 -8.94 -4.83 -48.91
CA LEU D 94 -10.13 -5.65 -48.80
C LEU D 94 -11.25 -5.18 -49.72
N THR D 95 -11.47 -3.87 -49.84
CA THR D 95 -12.49 -3.38 -50.76
C THR D 95 -12.11 -3.62 -52.23
N VAL D 96 -10.82 -3.53 -52.57
CA VAL D 96 -10.38 -3.86 -53.92
C VAL D 96 -10.66 -5.31 -54.23
N THR D 97 -10.34 -6.21 -53.29
CA THR D 97 -10.60 -7.64 -53.49
C THR D 97 -12.10 -7.91 -53.64
N ASP D 98 -12.93 -7.25 -52.83
CA ASP D 98 -14.37 -7.45 -52.94
C ASP D 98 -14.92 -6.97 -54.28
N LEU D 99 -14.44 -5.81 -54.75
CA LEU D 99 -14.88 -5.30 -56.04
C LEU D 99 -14.43 -6.20 -57.18
N LEU D 100 -13.19 -6.69 -57.14
CA LEU D 100 -12.72 -7.60 -58.18
C LEU D 100 -13.36 -8.98 -58.07
N GLY D 101 -13.97 -9.31 -56.93
CA GLY D 101 -14.66 -10.58 -56.78
C GLY D 101 -16.08 -10.57 -57.29
N LYS D 102 -16.86 -9.55 -56.92
CA LYS D 102 -18.29 -9.57 -57.27
C LYS D 102 -18.52 -9.41 -58.78
N CYS D 103 -17.61 -8.73 -59.47
CA CYS D 103 -17.75 -8.48 -60.90
C CYS D 103 -17.37 -9.68 -61.77
N LEU D 104 -16.79 -10.72 -61.18
CA LEU D 104 -16.53 -11.95 -61.91
C LEU D 104 -17.62 -12.99 -61.76
N LEU D 105 -18.51 -12.83 -60.77
CA LEU D 105 -19.52 -13.82 -60.46
C LEU D 105 -20.95 -13.34 -60.60
N SER D 106 -21.21 -12.03 -60.56
CA SER D 106 -22.59 -11.61 -60.78
C SER D 106 -23.02 -11.58 -62.25
N PRO D 107 -22.20 -11.05 -63.19
CA PRO D 107 -22.65 -11.05 -64.59
C PRO D 107 -22.86 -12.44 -65.18
N VAL D 108 -22.12 -13.45 -64.75
CA VAL D 108 -22.31 -14.79 -65.30
C VAL D 108 -23.65 -15.37 -64.87
N VAL D 109 -24.03 -15.16 -63.60
CA VAL D 109 -25.35 -15.57 -63.12
C VAL D 109 -26.44 -14.81 -63.87
N LEU D 110 -26.24 -13.51 -64.08
CA LEU D 110 -27.23 -12.72 -64.80
C LEU D 110 -27.38 -13.20 -66.24
N ALA D 111 -26.26 -13.49 -66.91
CA ALA D 111 -26.31 -13.97 -68.29
C ALA D 111 -26.98 -15.33 -68.39
N ALA D 112 -26.65 -16.24 -67.48
CA ALA D 112 -27.27 -17.56 -67.50
C ALA D 112 -28.77 -17.48 -67.24
N TYR D 113 -29.19 -16.60 -66.34
CA TYR D 113 -30.62 -16.42 -66.11
C TYR D 113 -31.31 -15.73 -67.28
N ALA D 114 -30.60 -14.86 -67.99
CA ALA D 114 -31.20 -14.15 -69.12
C ALA D 114 -31.37 -15.08 -70.32
N GLN D 115 -30.36 -15.89 -70.64
CA GLN D 115 -30.44 -16.78 -71.79
C GLN D 115 -31.36 -17.97 -71.56
N ASN D 116 -31.84 -18.17 -70.32
CA ASN D 116 -32.67 -19.31 -69.95
C ASN D 116 -31.96 -20.63 -70.24
N ARG D 117 -30.66 -20.67 -69.97
CA ARG D 117 -29.85 -21.87 -70.08
C ARG D 117 -29.13 -22.11 -68.75
N SER D 118 -28.92 -23.38 -68.43
CA SER D 118 -28.24 -23.71 -67.18
C SER D 118 -26.76 -23.38 -67.29
N LEU D 119 -26.01 -23.67 -66.22
CA LEU D 119 -24.63 -23.23 -66.15
C LEU D 119 -23.71 -24.02 -67.08
N ARG D 120 -24.22 -25.08 -67.73
CA ARG D 120 -23.45 -25.82 -68.72
C ARG D 120 -24.06 -25.79 -70.11
N VAL D 121 -25.30 -25.34 -70.26
CA VAL D 121 -25.93 -25.30 -71.58
C VAL D 121 -25.66 -23.96 -72.28
N LEU D 122 -25.44 -22.89 -71.52
CA LEU D 122 -25.25 -21.58 -72.13
C LEU D 122 -23.94 -21.50 -72.90
N ALA D 123 -22.91 -22.20 -72.45
CA ALA D 123 -21.60 -22.20 -73.09
C ALA D 123 -21.09 -23.63 -73.18
N PRO D 124 -20.26 -23.93 -74.19
CA PRO D 124 -19.72 -25.29 -74.30
C PRO D 124 -18.69 -25.61 -73.22
N ALA D 125 -19.15 -25.80 -71.99
CA ALA D 125 -18.31 -26.20 -70.87
C ALA D 125 -18.50 -27.70 -70.67
N LEU D 126 -17.65 -28.49 -71.32
CA LEU D 126 -17.80 -29.94 -71.31
C LEU D 126 -17.50 -30.51 -69.93
N ASP D 127 -18.32 -31.47 -69.51
CA ASP D 127 -18.18 -32.17 -68.23
C ASP D 127 -18.14 -31.18 -67.06
N ASN D 128 -19.03 -30.18 -67.11
CA ASN D 128 -19.18 -29.17 -66.08
C ASN D 128 -17.86 -28.42 -65.83
N SER D 129 -17.39 -27.76 -66.89
CA SER D 129 -16.18 -26.94 -66.79
C SER D 129 -16.46 -25.55 -66.24
N LEU D 130 -17.73 -25.21 -65.98
CA LEU D 130 -18.09 -23.91 -65.43
C LEU D 130 -18.67 -23.99 -64.03
N CYS D 131 -19.38 -25.08 -63.71
CA CYS D 131 -19.93 -25.25 -62.37
C CYS D 131 -18.82 -25.33 -61.32
N GLN D 132 -17.77 -26.11 -61.60
CA GLN D 132 -16.65 -26.20 -60.69
C GLN D 132 -15.94 -24.86 -60.56
N ALA D 133 -15.78 -24.14 -61.66
CA ALA D 133 -15.13 -22.83 -61.62
C ALA D 133 -15.92 -21.86 -60.76
N PHE D 134 -17.24 -21.86 -60.91
CA PHE D 134 -18.10 -21.01 -60.08
C PHE D 134 -17.96 -21.34 -58.60
N ALA D 135 -18.05 -22.63 -58.25
CA ALA D 135 -17.97 -23.02 -56.84
C ALA D 135 -16.60 -22.71 -56.25
N PHE D 136 -15.54 -23.00 -57.01
CA PHE D 136 -14.18 -22.76 -56.54
C PHE D 136 -13.93 -21.29 -56.31
N PHE D 137 -14.35 -20.43 -57.25
CA PHE D 137 -14.13 -19.00 -57.10
C PHE D 137 -14.92 -18.43 -55.93
N MET D 138 -16.17 -18.88 -55.76
CA MET D 138 -16.98 -18.39 -54.63
C MET D 138 -16.33 -18.75 -53.29
N SER D 139 -15.94 -20.01 -53.13
CA SER D 139 -15.31 -20.43 -51.87
C SER D 139 -13.98 -19.71 -51.65
N PHE D 140 -13.18 -19.55 -52.71
CA PHE D 140 -11.90 -18.88 -52.61
C PHE D 140 -12.05 -17.44 -52.15
N PHE D 141 -12.99 -16.71 -52.75
CA PHE D 141 -13.17 -15.31 -52.38
C PHE D 141 -13.69 -15.16 -50.96
N GLY D 142 -14.64 -16.01 -50.55
CA GLY D 142 -15.10 -15.95 -49.16
C GLY D 142 -13.99 -16.22 -48.16
N LEU D 143 -13.15 -17.22 -48.44
CA LEU D 143 -12.04 -17.54 -47.55
C LEU D 143 -11.05 -16.39 -47.47
N SER D 144 -10.70 -15.79 -48.62
CA SER D 144 -9.75 -14.69 -48.62
C SER D 144 -10.29 -13.49 -47.84
N SER D 145 -11.58 -13.19 -47.99
CA SER D 145 -12.16 -12.08 -47.25
C SER D 145 -12.11 -12.31 -45.74
N THR D 146 -12.45 -13.53 -45.30
CA THR D 146 -12.42 -13.82 -43.87
C THR D 146 -10.99 -13.73 -43.31
N LEU D 147 -10.01 -14.25 -44.06
CA LEU D 147 -8.62 -14.14 -43.60
C LEU D 147 -8.15 -12.69 -43.54
N GLN D 148 -8.59 -11.87 -44.50
CA GLN D 148 -8.19 -10.46 -44.48
C GLN D 148 -8.79 -9.73 -43.28
N LEU D 149 -10.05 -10.01 -42.95
CA LEU D 149 -10.63 -9.41 -41.76
C LEU D 149 -9.90 -9.85 -40.49
N LEU D 150 -9.51 -11.14 -40.44
CA LEU D 150 -8.75 -11.63 -39.30
C LEU D 150 -7.42 -10.89 -39.17
N ALA D 151 -6.74 -10.68 -40.29
CA ALA D 151 -5.48 -9.94 -40.26
C ALA D 151 -5.71 -8.50 -39.78
N MET D 152 -6.80 -7.87 -40.22
CA MET D 152 -7.14 -6.52 -39.75
C MET D 152 -7.23 -6.49 -38.23
N ALA D 153 -8.05 -7.37 -37.66
CA ALA D 153 -8.24 -7.37 -36.21
C ALA D 153 -6.94 -7.70 -35.49
N LEU D 154 -6.16 -8.63 -36.02
CA LEU D 154 -4.93 -9.05 -35.37
C LEU D 154 -3.90 -7.93 -35.31
N GLU D 155 -3.61 -7.30 -36.45
CA GLU D 155 -2.62 -6.22 -36.40
C GLU D 155 -3.15 -4.98 -35.68
N ARG D 156 -4.46 -4.74 -35.68
CA ARG D 156 -4.97 -3.64 -34.85
C ARG D 156 -4.73 -3.90 -33.37
N TRP D 157 -5.03 -5.12 -32.91
CA TRP D 157 -4.81 -5.47 -31.51
C TRP D 157 -3.33 -5.43 -31.16
N LEU D 158 -2.47 -5.90 -32.06
CA LEU D 158 -1.03 -5.88 -31.79
C LEU D 158 -0.50 -4.46 -31.74
N SER D 159 -0.96 -3.58 -32.64
CA SER D 159 -0.50 -2.20 -32.62
C SER D 159 -0.94 -1.47 -31.36
N LEU D 160 -2.19 -1.68 -30.94
CA LEU D 160 -2.67 -0.98 -29.74
C LEU D 160 -2.04 -1.56 -28.47
N GLY D 161 -1.85 -2.87 -28.41
CA GLY D 161 -1.42 -3.54 -27.21
C GLY D 161 0.04 -3.33 -26.84
N HIS D 162 0.95 -3.79 -27.70
CA HIS D 162 2.37 -3.75 -27.41
C HIS D 162 3.06 -2.80 -28.37
N PRO D 163 3.28 -1.53 -27.98
CA PRO D 163 3.92 -0.58 -28.90
C PRO D 163 5.34 -0.98 -29.29
N PHE D 164 6.09 -1.62 -28.40
CA PHE D 164 7.47 -1.99 -28.72
C PHE D 164 7.51 -3.03 -29.84
N PHE D 165 6.71 -4.08 -29.72
CA PHE D 165 6.66 -5.12 -30.76
C PHE D 165 6.14 -4.56 -32.08
N TYR D 166 5.13 -3.69 -32.01
CA TYR D 166 4.57 -3.09 -33.21
C TYR D 166 5.59 -2.20 -33.92
N ARG D 167 6.35 -1.41 -33.15
CA ARG D 167 7.33 -0.51 -33.76
C ARG D 167 8.60 -1.23 -34.19
N ARG D 168 8.88 -2.42 -33.64
CA ARG D 168 10.10 -3.13 -33.99
C ARG D 168 9.89 -4.25 -35.00
N HIS D 169 8.66 -4.69 -35.23
CA HIS D 169 8.42 -5.81 -36.12
C HIS D 169 7.55 -5.46 -37.32
N ILE D 170 6.42 -4.80 -37.10
CA ILE D 170 5.46 -4.56 -38.17
C ILE D 170 5.86 -3.33 -38.97
N THR D 171 6.00 -3.49 -40.28
CA THR D 171 6.32 -2.41 -41.19
C THR D 171 5.14 -2.19 -42.14
N LEU D 172 5.32 -1.24 -43.06
CA LEU D 172 4.27 -0.94 -44.02
C LEU D 172 4.16 -2.00 -45.11
N ARG D 173 5.29 -2.62 -45.49
CA ARG D 173 5.27 -3.66 -46.52
C ARG D 173 4.48 -4.88 -46.06
N LEU D 174 4.67 -5.30 -44.81
CA LEU D 174 3.96 -6.47 -44.29
C LEU D 174 2.46 -6.20 -44.22
N GLY D 175 2.06 -4.99 -43.83
CA GLY D 175 0.66 -4.63 -43.84
C GLY D 175 0.08 -4.56 -45.23
N ALA D 176 0.87 -4.10 -46.21
CA ALA D 176 0.38 -4.00 -47.57
C ALA D 176 0.22 -5.38 -48.21
N LEU D 177 1.10 -6.32 -47.86
CA LEU D 177 1.15 -7.61 -48.54
C LEU D 177 0.32 -8.69 -47.85
N VAL D 178 -0.76 -8.31 -47.16
CA VAL D 178 -1.63 -9.31 -46.55
C VAL D 178 -2.40 -10.06 -47.62
N ALA D 179 -2.95 -9.35 -48.61
CA ALA D 179 -3.84 -9.96 -49.60
C ALA D 179 -3.20 -11.07 -50.43
N PRO D 180 -1.98 -10.93 -51.00
CA PRO D 180 -1.50 -12.00 -51.90
C PRO D 180 -1.23 -13.32 -51.21
N VAL D 181 -0.60 -13.32 -50.05
CA VAL D 181 -0.33 -14.57 -49.35
C VAL D 181 -1.63 -15.21 -48.88
N VAL D 182 -2.60 -14.40 -48.47
CA VAL D 182 -3.91 -14.91 -48.07
C VAL D 182 -4.59 -15.60 -49.25
N SER D 183 -4.56 -14.96 -50.42
CA SER D 183 -5.18 -15.55 -51.60
C SER D 183 -4.46 -16.83 -52.03
N ALA D 184 -3.12 -16.84 -51.91
CA ALA D 184 -2.37 -18.05 -52.24
C ALA D 184 -2.76 -19.21 -51.33
N PHE D 185 -2.87 -18.95 -50.02
CA PHE D 185 -3.28 -20.00 -49.10
C PHE D 185 -4.71 -20.44 -49.38
N SER D 186 -5.60 -19.50 -49.71
CA SER D 186 -6.99 -19.86 -49.99
C SER D 186 -7.11 -20.73 -51.23
N LEU D 187 -6.37 -20.39 -52.30
CA LEU D 187 -6.44 -21.21 -53.51
C LEU D 187 -5.79 -22.57 -53.29
N ALA D 188 -4.71 -22.62 -52.51
CA ALA D 188 -4.09 -23.90 -52.18
C ALA D 188 -5.04 -24.78 -51.39
N PHE D 189 -5.78 -24.20 -50.44
CA PHE D 189 -6.75 -24.97 -49.68
C PHE D 189 -7.92 -25.44 -50.54
N CYS D 190 -8.39 -24.59 -51.46
CA CYS D 190 -9.58 -24.91 -52.24
C CYS D 190 -9.27 -25.71 -53.50
N ALA D 191 -8.00 -25.92 -53.82
CA ALA D 191 -7.63 -26.75 -54.97
C ALA D 191 -7.55 -28.23 -54.64
N LEU D 192 -8.24 -28.68 -53.59
CA LEU D 192 -8.25 -30.09 -53.23
C LEU D 192 -8.85 -31.01 -54.30
N PRO D 193 -10.03 -30.72 -54.91
CA PRO D 193 -10.58 -31.68 -55.88
C PRO D 193 -9.75 -31.87 -57.13
N PHE D 194 -8.88 -30.91 -57.48
CA PHE D 194 -8.07 -31.07 -58.68
C PHE D 194 -7.02 -32.16 -58.51
N MET D 195 -6.34 -32.19 -57.36
CA MET D 195 -5.32 -33.18 -57.06
C MET D 195 -5.82 -34.28 -56.14
N GLY D 196 -7.09 -34.26 -55.77
CA GLY D 196 -7.65 -35.26 -54.89
C GLY D 196 -9.08 -35.59 -55.22
N PHE D 197 -9.94 -35.66 -54.20
CA PHE D 197 -11.36 -35.96 -54.39
C PHE D 197 -12.18 -34.92 -53.62
N GLY D 198 -12.98 -34.16 -54.36
CA GLY D 198 -13.90 -33.19 -53.78
C GLY D 198 -15.05 -32.92 -54.71
N LYS D 199 -16.27 -32.98 -54.20
CA LYS D 199 -17.47 -32.96 -55.03
C LYS D 199 -18.12 -31.58 -55.02
N PHE D 200 -18.27 -31.00 -56.20
CA PHE D 200 -19.06 -29.80 -56.42
C PHE D 200 -20.38 -30.20 -57.06
N VAL D 201 -21.48 -29.67 -56.54
CA VAL D 201 -22.80 -29.98 -57.08
C VAL D 201 -23.60 -28.70 -57.25
N GLN D 202 -24.64 -28.81 -58.07
CA GLN D 202 -25.53 -27.70 -58.39
C GLN D 202 -26.82 -27.85 -57.61
N TYR D 203 -27.12 -26.86 -56.78
CA TYR D 203 -28.42 -26.78 -56.12
C TYR D 203 -29.37 -26.00 -57.02
N CYS D 204 -30.66 -26.27 -56.86
CA CYS D 204 -31.66 -25.53 -57.62
C CYS D 204 -31.63 -24.05 -57.23
N PRO D 205 -31.79 -23.12 -58.18
CA PRO D 205 -32.13 -23.25 -59.61
C PRO D 205 -31.00 -23.71 -60.54
N GLY D 206 -31.12 -23.42 -61.83
CA GLY D 206 -30.20 -23.95 -62.81
C GLY D 206 -28.75 -23.56 -62.62
N THR D 207 -28.49 -22.44 -61.93
CA THR D 207 -27.13 -21.96 -61.71
C THR D 207 -26.91 -21.55 -60.25
N TRP D 208 -26.50 -22.51 -59.43
CA TRP D 208 -25.96 -22.24 -58.10
C TRP D 208 -25.10 -23.43 -57.72
N CYS D 209 -23.78 -23.29 -57.87
CA CYS D 209 -22.85 -24.40 -57.68
C CYS D 209 -22.03 -24.20 -56.41
N PHE D 210 -21.92 -25.25 -55.61
CA PHE D 210 -21.17 -25.19 -54.37
C PHE D 210 -20.77 -26.60 -53.95
N ILE D 211 -20.02 -26.69 -52.85
CA ILE D 211 -19.52 -27.97 -52.38
C ILE D 211 -20.67 -28.85 -51.89
N GLN D 212 -20.50 -30.16 -52.06
CA GLN D 212 -21.54 -31.12 -51.67
C GLN D 212 -21.51 -31.37 -50.16
N MET D 213 -22.70 -31.46 -49.57
CA MET D 213 -22.83 -31.63 -48.13
C MET D 213 -23.53 -32.92 -47.73
N VAL D 214 -24.69 -33.22 -48.33
CA VAL D 214 -25.64 -34.16 -47.77
C VAL D 214 -25.84 -35.35 -48.70
N HIS D 215 -26.10 -36.52 -48.11
CA HIS D 215 -26.62 -37.70 -48.81
C HIS D 215 -25.62 -38.25 -49.83
N GLU D 216 -24.40 -38.51 -49.36
CA GLU D 216 -23.43 -39.27 -50.13
C GLU D 216 -23.30 -40.70 -49.63
N GLU D 217 -23.95 -41.04 -48.52
CA GLU D 217 -23.91 -42.34 -47.85
C GLU D 217 -22.52 -42.68 -47.33
N GLY D 218 -21.65 -41.68 -47.17
CA GLY D 218 -20.38 -41.88 -46.50
C GLY D 218 -19.20 -42.15 -47.41
N SER D 219 -18.27 -41.22 -47.49
CA SER D 219 -16.99 -41.44 -48.14
C SER D 219 -15.90 -40.74 -47.33
N LEU D 220 -14.68 -41.24 -47.47
CA LEU D 220 -13.56 -40.68 -46.73
C LEU D 220 -13.17 -39.31 -47.24
N SER D 221 -13.43 -39.03 -48.51
CA SER D 221 -13.00 -37.79 -49.16
C SER D 221 -14.15 -36.88 -49.56
N VAL D 222 -15.36 -37.10 -49.03
CA VAL D 222 -16.52 -36.29 -49.34
C VAL D 222 -16.93 -35.42 -48.14
N LEU D 223 -17.13 -36.05 -46.98
CA LEU D 223 -17.48 -35.27 -45.79
C LEU D 223 -16.26 -34.59 -45.17
N GLY D 224 -15.05 -34.94 -45.60
CA GLY D 224 -13.87 -34.32 -45.05
C GLY D 224 -13.81 -32.83 -45.30
N TYR D 225 -13.95 -32.42 -46.56
CA TYR D 225 -13.94 -30.99 -46.86
C TYR D 225 -15.18 -30.29 -46.33
N SER D 226 -16.32 -30.98 -46.34
CA SER D 226 -17.56 -30.38 -45.84
C SER D 226 -17.45 -30.05 -44.35
N VAL D 227 -16.73 -30.87 -43.59
CA VAL D 227 -16.52 -30.56 -42.17
C VAL D 227 -15.40 -29.54 -41.99
N LEU D 228 -14.31 -29.69 -42.77
CA LEU D 228 -13.14 -28.86 -42.60
C LEU D 228 -13.43 -27.39 -42.92
N TYR D 229 -14.27 -27.14 -43.93
CA TYR D 229 -14.58 -25.77 -44.33
C TYR D 229 -15.23 -25.00 -43.19
N SER D 230 -16.30 -25.56 -42.62
CA SER D 230 -17.00 -24.88 -41.53
C SER D 230 -16.15 -24.82 -40.27
N SER D 231 -15.33 -25.85 -40.01
CA SER D 231 -14.45 -25.80 -38.85
C SER D 231 -13.45 -24.65 -38.96
N LEU D 232 -12.82 -24.50 -40.13
CA LEU D 232 -11.87 -23.41 -40.32
C LEU D 232 -12.57 -22.06 -40.25
N MET D 233 -13.77 -21.96 -40.83
CA MET D 233 -14.52 -20.71 -40.76
C MET D 233 -14.80 -20.30 -39.32
N ALA D 234 -15.29 -21.25 -38.51
CA ALA D 234 -15.59 -20.95 -37.12
C ALA D 234 -14.34 -20.59 -36.33
N LEU D 235 -13.22 -21.28 -36.61
CA LEU D 235 -11.97 -21.00 -35.91
C LEU D 235 -11.50 -19.57 -36.20
N LEU D 236 -11.50 -19.18 -37.47
CA LEU D 236 -11.03 -17.84 -37.83
C LEU D 236 -11.97 -16.77 -37.29
N VAL D 237 -13.29 -17.03 -37.29
CA VAL D 237 -14.25 -16.07 -36.76
C VAL D 237 -14.00 -15.86 -35.26
N LEU D 238 -13.80 -16.95 -34.52
CA LEU D 238 -13.57 -16.84 -33.08
C LEU D 238 -12.24 -16.13 -32.78
N ALA D 239 -11.21 -16.39 -33.59
CA ALA D 239 -9.95 -15.68 -33.39
C ALA D 239 -10.11 -14.18 -33.61
N THR D 240 -10.87 -13.79 -34.64
CA THR D 240 -11.13 -12.37 -34.88
C THR D 240 -11.89 -11.73 -33.73
N VAL D 241 -12.91 -12.44 -33.20
CA VAL D 241 -13.68 -11.88 -32.09
C VAL D 241 -12.80 -11.74 -30.85
N LEU D 242 -11.91 -12.71 -30.61
CA LEU D 242 -11.01 -12.62 -29.45
C LEU D 242 -10.08 -11.41 -29.56
N CYS D 243 -9.50 -11.19 -30.74
CA CYS D 243 -8.62 -10.04 -30.93
C CYS D 243 -9.39 -8.74 -30.72
N ASN D 244 -10.61 -8.65 -31.25
CA ASN D 244 -11.39 -7.42 -31.09
C ASN D 244 -11.73 -7.18 -29.62
N LEU D 245 -12.06 -8.24 -28.88
CA LEU D 245 -12.37 -8.07 -27.46
C LEU D 245 -11.15 -7.65 -26.65
N GLY D 246 -9.96 -8.11 -27.01
CA GLY D 246 -8.76 -7.60 -26.35
C GLY D 246 -8.49 -6.13 -26.65
N ALA D 247 -8.65 -5.74 -27.92
CA ALA D 247 -8.43 -4.36 -28.29
C ALA D 247 -9.47 -3.42 -27.69
N MET D 248 -10.67 -3.94 -27.38
CA MET D 248 -11.68 -3.10 -26.76
C MET D 248 -11.36 -2.76 -25.31
N ARG D 249 -10.56 -3.60 -24.63
CA ARG D 249 -10.25 -3.34 -23.23
C ARG D 249 -8.92 -2.60 -23.05
N ASN D 250 -7.96 -2.81 -23.96
CA ASN D 250 -6.69 -2.09 -23.82
C ASN D 250 -6.89 -0.57 -23.88
N LEU D 251 -7.71 -0.11 -24.82
CA LEU D 251 -7.94 1.33 -24.96
C LEU D 251 -8.71 1.89 -23.78
N TYR D 252 -9.63 1.11 -23.20
CA TYR D 252 -10.33 1.57 -22.00
C TYR D 252 -9.35 1.75 -20.85
N ALA D 253 -8.38 0.82 -20.72
CA ALA D 253 -7.35 0.99 -19.70
C ALA D 253 -6.55 2.28 -19.94
N MET D 254 -6.20 2.55 -21.20
CA MET D 254 -5.45 3.77 -21.52
C MET D 254 -6.25 5.03 -21.16
N HIS D 255 -7.53 5.05 -21.53
CA HIS D 255 -8.36 6.21 -21.26
C HIS D 255 -8.53 6.45 -19.76
N ARG D 256 -8.75 5.37 -19.00
CA ARG D 256 -8.88 5.50 -17.55
C ARG D 256 -7.59 6.01 -16.93
N ARG D 257 -6.44 5.53 -17.43
CA ARG D 257 -5.15 6.03 -16.97
C ARG D 257 -5.04 7.53 -17.17
N LEU D 258 -5.34 8.02 -18.39
CA LEU D 258 -5.19 9.45 -18.67
C LEU D 258 -6.17 10.29 -17.85
N GLN D 259 -7.42 9.84 -17.72
CA GLN D 259 -8.40 10.60 -16.97
C GLN D 259 -8.04 10.67 -15.49
N ALA D 260 -7.48 9.61 -14.93
CA ALA D 260 -7.07 9.67 -13.53
C ALA D 260 -5.73 10.37 -13.34
N ASP D 261 -4.95 10.56 -14.40
CA ASP D 261 -3.60 11.10 -14.24
C ASP D 261 -3.46 12.58 -14.57
N LEU D 262 -4.24 13.13 -15.50
CA LEU D 262 -4.04 14.53 -15.89
C LEU D 262 -5.24 15.42 -15.63
N GLU D 263 -6.43 14.99 -16.04
CA GLU D 263 -7.58 15.89 -16.07
C GLU D 263 -8.06 16.26 -14.67
N ASP D 264 -7.99 15.34 -13.71
CA ASP D 264 -8.42 15.66 -12.35
C ASP D 264 -7.52 16.69 -11.70
N ASN D 265 -6.20 16.58 -11.91
CA ASN D 265 -5.27 17.58 -11.41
C ASN D 265 -5.49 18.92 -12.09
N TRP D 266 -5.78 18.90 -13.40
CA TRP D 266 -6.09 20.14 -14.10
C TRP D 266 -7.33 20.81 -13.52
N GLU D 267 -8.36 20.02 -13.24
CA GLU D 267 -9.58 20.58 -12.65
C GLU D 267 -9.34 21.13 -11.26
N THR D 268 -8.49 20.45 -10.47
CA THR D 268 -8.16 20.95 -9.14
C THR D 268 -7.44 22.29 -9.22
N LEU D 269 -6.47 22.40 -10.13
CA LEU D 269 -5.76 23.68 -10.32
C LEU D 269 -6.73 24.78 -10.72
N ASN D 270 -7.62 24.50 -11.68
CA ASN D 270 -8.59 25.51 -12.12
C ASN D 270 -9.52 25.93 -10.99
N ASP D 271 -10.03 24.97 -10.22
CA ASP D 271 -10.99 25.31 -9.17
C ASP D 271 -10.33 26.11 -8.06
N ASN D 272 -9.11 25.74 -7.66
CA ASN D 272 -8.41 26.53 -6.65
C ASN D 272 -8.09 27.94 -7.14
N LEU D 273 -7.69 28.06 -8.41
CA LEU D 273 -7.37 29.37 -8.96
C LEU D 273 -8.62 30.23 -9.08
N LYS D 274 -9.79 29.60 -9.25
CA LYS D 274 -11.03 30.37 -9.23
C LYS D 274 -11.41 30.76 -7.80
N VAL D 275 -11.14 29.88 -6.84
CA VAL D 275 -11.56 30.13 -5.46
C VAL D 275 -10.74 31.27 -4.83
N ILE D 276 -9.43 31.32 -5.12
CA ILE D 276 -8.57 32.28 -4.43
C ILE D 276 -8.96 33.71 -4.74
N GLU D 277 -9.46 33.95 -5.96
CA GLU D 277 -9.77 35.32 -6.38
C GLU D 277 -10.97 35.87 -5.62
N LYS D 278 -11.96 35.02 -5.35
CA LYS D 278 -13.25 35.48 -4.82
C LYS D 278 -13.19 35.84 -3.34
N ALA D 279 -12.02 35.75 -2.72
CA ALA D 279 -11.86 36.12 -1.33
C ALA D 279 -10.47 36.72 -1.13
N ASP D 280 -10.33 37.53 -0.07
CA ASP D 280 -9.08 38.20 0.23
C ASP D 280 -8.72 38.07 1.71
N ASN D 281 -9.16 37.01 2.37
CA ASN D 281 -8.73 36.73 3.73
C ASN D 281 -7.30 36.20 3.73
N ALA D 282 -6.62 36.36 4.86
CA ALA D 282 -5.22 35.99 4.99
C ALA D 282 -5.01 34.53 5.33
N ALA D 283 -6.09 33.76 5.53
CA ALA D 283 -5.95 32.36 5.92
C ALA D 283 -6.06 31.42 4.74
N GLN D 284 -7.04 31.64 3.87
CA GLN D 284 -7.32 30.69 2.80
C GLN D 284 -6.31 30.78 1.66
N VAL D 285 -5.57 31.87 1.56
CA VAL D 285 -4.62 32.03 0.46
C VAL D 285 -3.50 31.00 0.56
N LYS D 286 -2.92 30.83 1.76
CA LYS D 286 -1.74 29.99 1.88
C LYS D 286 -2.07 28.50 1.70
N ASP D 287 -3.14 28.02 2.33
CA ASP D 287 -3.46 26.60 2.19
C ASP D 287 -4.07 26.31 0.81
N ALA D 288 -4.77 27.28 0.21
CA ALA D 288 -5.20 27.10 -1.17
C ALA D 288 -3.99 27.01 -2.11
N LEU D 289 -2.97 27.84 -1.87
CA LEU D 289 -1.76 27.78 -2.69
C LEU D 289 -1.02 26.46 -2.49
N THR D 290 -0.97 25.95 -1.28
CA THR D 290 -0.28 24.68 -1.08
C THR D 290 -1.09 23.50 -1.63
N LYS D 291 -2.42 23.61 -1.67
CA LYS D 291 -3.22 22.63 -2.40
C LYS D 291 -2.90 22.68 -3.89
N MET D 292 -2.75 23.89 -4.44
CA MET D 292 -2.31 24.02 -5.83
C MET D 292 -0.95 23.38 -6.04
N ARG D 293 -0.05 23.56 -5.07
CA ARG D 293 1.28 22.96 -5.18
C ARG D 293 1.22 21.44 -5.17
N ALA D 294 0.37 20.87 -4.31
CA ALA D 294 0.19 19.42 -4.28
C ALA D 294 -0.36 18.91 -5.61
N ALA D 295 -1.37 19.61 -6.15
CA ALA D 295 -1.94 19.20 -7.44
C ALA D 295 -0.92 19.32 -8.56
N ALA D 296 -0.09 20.37 -8.54
CA ALA D 296 0.93 20.53 -9.56
C ALA D 296 1.99 19.43 -9.47
N LEU D 297 2.39 19.09 -8.25
CA LEU D 297 3.36 18.01 -8.07
C LEU D 297 2.79 16.66 -8.48
N ASP D 298 1.49 16.46 -8.28
CA ASP D 298 0.83 15.25 -8.79
C ASP D 298 0.80 15.23 -10.31
N ALA D 299 0.43 16.35 -10.92
CA ALA D 299 0.29 16.41 -12.37
C ALA D 299 1.63 16.37 -13.10
N GLN D 300 2.72 16.74 -12.43
CA GLN D 300 4.03 16.70 -13.07
C GLN D 300 4.47 15.28 -13.41
N LYS D 301 3.85 14.26 -12.82
CA LYS D 301 4.26 12.87 -13.01
C LYS D 301 3.48 12.15 -14.11
N ALA D 302 2.47 12.78 -14.69
CA ALA D 302 1.60 12.08 -15.65
C ALA D 302 2.32 11.92 -16.99
N THR D 303 1.62 11.32 -17.96
CA THR D 303 2.20 11.08 -19.28
C THR D 303 1.15 11.02 -20.38
N PRO D 304 1.40 11.67 -21.51
CA PRO D 304 0.53 11.50 -22.69
C PRO D 304 0.76 10.14 -23.33
N PRO D 305 -0.23 9.65 -24.13
CA PRO D 305 -0.12 8.29 -24.69
C PRO D 305 1.08 8.04 -25.58
N LYS D 306 1.24 8.84 -26.64
CA LYS D 306 2.32 8.60 -27.59
C LYS D 306 3.69 8.80 -26.94
N LEU D 307 3.82 9.82 -26.08
CA LEU D 307 5.05 10.02 -25.35
C LEU D 307 5.31 8.92 -24.33
N GLU D 308 4.32 8.05 -24.08
CA GLU D 308 4.55 6.81 -23.34
C GLU D 308 5.60 5.93 -24.00
N ASP D 309 5.78 6.05 -25.32
CA ASP D 309 6.77 5.23 -26.01
C ASP D 309 8.18 5.49 -25.48
N LYS D 310 8.53 6.76 -25.29
CA LYS D 310 9.84 7.16 -24.76
C LYS D 310 9.58 8.22 -23.71
N SER D 311 9.42 7.79 -22.45
CA SER D 311 9.18 8.71 -21.35
C SER D 311 10.45 9.45 -20.89
N PRO D 312 11.54 8.77 -20.52
CA PRO D 312 12.69 9.52 -19.97
C PRO D 312 13.46 10.26 -21.04
N ASP D 313 14.04 11.40 -20.63
CA ASP D 313 14.86 12.26 -21.49
C ASP D 313 14.11 12.73 -22.73
N SER D 314 12.79 12.87 -22.61
CA SER D 314 11.97 13.27 -23.74
C SER D 314 11.80 14.78 -23.72
N PRO D 315 12.20 15.50 -24.78
CA PRO D 315 11.90 16.94 -24.84
C PRO D 315 10.42 17.25 -24.77
N GLU D 316 9.58 16.38 -25.35
CA GLU D 316 8.14 16.54 -25.21
C GLU D 316 7.66 16.35 -23.79
N MET D 317 8.43 15.63 -22.95
CA MET D 317 8.16 15.56 -21.53
C MET D 317 8.98 16.58 -20.74
N LYS D 318 10.16 16.94 -21.25
CA LYS D 318 10.97 17.96 -20.58
C LYS D 318 10.28 19.30 -20.56
N ASP D 319 9.59 19.66 -21.65
CA ASP D 319 8.84 20.91 -21.67
C ASP D 319 7.66 20.86 -20.70
N PHE D 320 7.02 19.70 -20.58
CA PHE D 320 5.97 19.50 -19.58
C PHE D 320 6.51 19.77 -18.18
N ARG D 321 7.64 19.14 -17.85
CA ARG D 321 8.24 19.32 -16.52
C ARG D 321 8.69 20.75 -16.30
N HIS D 322 9.23 21.41 -17.33
CA HIS D 322 9.67 22.80 -17.21
C HIS D 322 8.49 23.73 -16.96
N GLY D 323 7.39 23.53 -17.68
CA GLY D 323 6.21 24.36 -17.45
C GLY D 323 5.67 24.20 -16.04
N PHE D 324 5.64 22.97 -15.55
CA PHE D 324 5.16 22.79 -14.19
C PHE D 324 6.16 23.30 -13.15
N ASP D 325 7.46 23.26 -13.47
CA ASP D 325 8.45 23.88 -12.60
C ASP D 325 8.22 25.39 -12.48
N ILE D 326 7.96 26.05 -13.60
CA ILE D 326 7.68 27.48 -13.59
C ILE D 326 6.41 27.78 -12.81
N LEU D 327 5.38 26.96 -12.98
CA LEU D 327 4.13 27.18 -12.26
C LEU D 327 4.34 27.05 -10.74
N VAL D 328 5.09 26.02 -10.31
CA VAL D 328 5.33 25.84 -8.88
C VAL D 328 6.22 26.94 -8.34
N GLY D 329 7.20 27.40 -9.12
CA GLY D 329 8.03 28.52 -8.68
C GLY D 329 7.23 29.79 -8.49
N GLN D 330 6.27 30.05 -9.38
CA GLN D 330 5.39 31.20 -9.20
C GLN D 330 4.52 31.04 -7.96
N ILE D 331 4.04 29.83 -7.69
CA ILE D 331 3.28 29.59 -6.47
C ILE D 331 4.15 29.84 -5.23
N ASP D 332 5.42 29.42 -5.29
CA ASP D 332 6.34 29.64 -4.18
C ASP D 332 6.59 31.13 -3.97
N ASP D 333 6.75 31.89 -5.06
CA ASP D 333 6.92 33.34 -4.93
C ASP D 333 5.69 33.99 -4.33
N ALA D 334 4.50 33.51 -4.71
CA ALA D 334 3.27 34.02 -4.11
C ALA D 334 3.20 33.69 -2.62
N LEU D 335 3.64 32.49 -2.24
CA LEU D 335 3.55 32.08 -0.84
C LEU D 335 4.55 32.84 0.03
N LYS D 336 5.79 32.98 -0.44
CA LYS D 336 6.84 33.57 0.40
C LYS D 336 6.70 35.08 0.49
N LEU D 337 6.80 35.77 -0.64
CA LEU D 337 6.86 37.22 -0.66
C LEU D 337 5.57 37.87 -0.17
N ALA D 338 4.42 37.38 -0.65
CA ALA D 338 3.16 38.05 -0.37
C ALA D 338 2.65 37.72 1.03
N ASN D 339 2.42 36.44 1.32
CA ASN D 339 1.64 36.05 2.49
C ASN D 339 2.48 35.53 3.66
N GLU D 340 3.78 35.81 3.70
CA GLU D 340 4.51 35.60 4.94
C GLU D 340 4.08 36.64 5.97
N GLY D 341 4.26 37.91 5.66
CA GLY D 341 3.50 38.95 6.32
C GLY D 341 2.06 38.94 5.86
N LYS D 342 1.20 39.63 6.61
CA LYS D 342 -0.23 39.60 6.32
C LYS D 342 -0.64 40.55 5.20
N VAL D 343 0.31 41.05 4.41
CA VAL D 343 0.00 41.80 3.20
C VAL D 343 -0.58 40.82 2.18
N LYS D 344 -1.54 41.29 1.38
CA LYS D 344 -2.27 40.40 0.46
C LYS D 344 -2.50 41.13 -0.86
N GLU D 345 -1.59 40.93 -1.81
CA GLU D 345 -1.90 41.36 -3.17
C GLU D 345 -2.46 40.22 -4.00
N ALA D 346 -1.66 39.17 -4.23
CA ALA D 346 -2.05 37.87 -4.77
C ALA D 346 -2.56 37.90 -6.20
N GLN D 347 -2.74 39.09 -6.78
CA GLN D 347 -3.46 39.14 -8.06
C GLN D 347 -2.50 39.14 -9.23
N ALA D 348 -1.33 39.77 -9.09
CA ALA D 348 -0.28 39.61 -10.09
C ALA D 348 0.14 38.15 -10.17
N ALA D 349 0.24 37.48 -9.02
CA ALA D 349 0.56 36.06 -9.01
C ALA D 349 -0.53 35.23 -9.66
N ALA D 350 -1.81 35.52 -9.36
CA ALA D 350 -2.91 34.78 -9.97
C ALA D 350 -2.93 34.96 -11.48
N GLU D 351 -2.73 36.19 -11.96
CA GLU D 351 -2.78 36.43 -13.40
C GLU D 351 -1.57 35.83 -14.10
N GLN D 352 -0.40 35.85 -13.45
CA GLN D 352 0.77 35.22 -14.05
C GLN D 352 0.61 33.71 -14.11
N LEU D 353 -0.05 33.12 -13.11
CA LEU D 353 -0.36 31.69 -13.17
C LEU D 353 -1.36 31.39 -14.28
N LYS D 354 -2.34 32.27 -14.48
CA LYS D 354 -3.28 32.09 -15.58
C LYS D 354 -2.57 32.12 -16.93
N THR D 355 -1.65 33.07 -17.11
CA THR D 355 -0.86 33.13 -18.33
C THR D 355 0.00 31.89 -18.50
N THR D 356 0.62 31.42 -17.40
CA THR D 356 1.40 30.20 -17.44
C THR D 356 0.57 29.00 -17.89
N ARG D 357 -0.63 28.85 -17.31
CA ARG D 357 -1.51 27.74 -17.67
C ARG D 357 -1.92 27.82 -19.13
N ASN D 358 -2.38 28.98 -19.58
CA ASN D 358 -2.87 29.14 -20.94
C ASN D 358 -1.76 29.13 -21.99
N ALA D 359 -0.50 29.25 -21.57
CA ALA D 359 0.60 29.28 -22.54
C ALA D 359 1.49 28.05 -22.51
N TYR D 360 1.40 27.20 -21.49
CA TYR D 360 2.36 26.11 -21.34
C TYR D 360 1.78 24.72 -21.51
N ILE D 361 0.55 24.47 -21.08
CA ILE D 361 0.09 23.11 -20.82
C ILE D 361 -0.99 22.65 -21.80
N GLN D 362 -1.80 23.55 -22.36
CA GLN D 362 -3.03 23.16 -23.06
C GLN D 362 -2.76 22.35 -24.32
N LYS D 363 -1.58 22.53 -24.92
CA LYS D 363 -1.24 21.85 -26.16
C LYS D 363 -1.25 20.33 -25.99
N TYR D 364 -0.63 19.85 -24.92
CA TYR D 364 -0.54 18.41 -24.68
C TYR D 364 -1.90 17.80 -24.39
N LEU D 365 -2.73 18.48 -23.61
CA LEU D 365 -4.07 17.98 -23.33
C LEU D 365 -4.91 17.88 -24.60
N GLU D 366 -4.85 18.92 -25.44
CA GLU D 366 -5.65 18.91 -26.67
C GLU D 366 -5.20 17.79 -27.60
N ARG D 367 -3.88 17.64 -27.79
CA ARG D 367 -3.41 16.59 -28.70
C ARG D 367 -3.72 15.20 -28.15
N ALA D 368 -3.66 15.01 -26.82
CA ALA D 368 -4.00 13.71 -26.25
C ALA D 368 -5.46 13.37 -26.49
N ARG D 369 -6.36 14.34 -26.27
CA ARG D 369 -7.78 14.08 -26.48
C ARG D 369 -8.07 13.77 -27.95
N SER D 370 -7.41 14.48 -28.87
CA SER D 370 -7.58 14.19 -30.29
C SER D 370 -7.13 12.78 -30.63
N THR D 371 -5.98 12.35 -30.09
CA THR D 371 -5.50 11.00 -30.37
C THR D 371 -6.48 9.94 -29.86
N LEU D 372 -7.00 10.12 -28.65
CA LEU D 372 -7.97 9.15 -28.13
C LEU D 372 -9.22 9.07 -28.97
N LEU D 373 -9.74 10.24 -29.41
CA LEU D 373 -10.94 10.22 -30.26
C LEU D 373 -10.68 9.50 -31.59
N GLU D 374 -9.50 9.73 -32.18
CA GLU D 374 -9.15 9.04 -33.43
C GLU D 374 -9.10 7.53 -33.25
N GLU D 375 -8.47 7.07 -32.16
CA GLU D 375 -8.35 5.62 -31.94
C GLU D 375 -9.72 4.99 -31.68
N LEU D 376 -10.58 5.69 -30.94
CA LEU D 376 -11.93 5.18 -30.72
C LEU D 376 -12.70 5.05 -32.02
N ASP D 377 -12.58 6.04 -32.91
CA ASP D 377 -13.27 5.95 -34.20
C ASP D 377 -12.74 4.78 -35.04
N ALA D 378 -11.43 4.54 -35.01
CA ALA D 378 -10.86 3.44 -35.77
C ALA D 378 -11.39 2.08 -35.29
N LEU D 379 -11.39 1.86 -33.97
CA LEU D 379 -11.88 0.56 -33.50
C LEU D 379 -13.38 0.42 -33.71
N LEU D 380 -14.13 1.52 -33.61
CA LEU D 380 -15.57 1.45 -33.90
C LEU D 380 -15.82 1.11 -35.36
N LEU D 381 -14.96 1.57 -36.27
CA LEU D 381 -15.09 1.16 -37.66
C LEU D 381 -14.83 -0.34 -37.81
N LEU D 382 -13.77 -0.85 -37.17
CA LEU D 382 -13.42 -2.26 -37.35
C LEU D 382 -14.46 -3.20 -36.76
N ALA D 383 -15.09 -2.80 -35.65
CA ALA D 383 -16.00 -3.69 -34.94
C ALA D 383 -17.22 -4.06 -35.80
N LEU D 384 -17.77 -3.09 -36.54
CA LEU D 384 -18.95 -3.37 -37.35
C LEU D 384 -18.64 -4.30 -38.52
N MET D 385 -17.45 -4.16 -39.12
CA MET D 385 -17.03 -5.10 -40.16
C MET D 385 -16.91 -6.51 -39.60
N THR D 386 -16.33 -6.64 -38.41
CA THR D 386 -16.25 -7.96 -37.78
C THR D 386 -17.63 -8.54 -37.52
N VAL D 387 -18.55 -7.71 -37.01
CA VAL D 387 -19.90 -8.18 -36.70
C VAL D 387 -20.61 -8.63 -37.96
N LEU D 388 -20.49 -7.87 -39.05
CA LEU D 388 -21.12 -8.25 -40.31
C LEU D 388 -20.59 -9.57 -40.83
N PHE D 389 -19.26 -9.72 -40.88
CA PHE D 389 -18.67 -10.95 -41.39
C PHE D 389 -19.07 -12.15 -40.55
N THR D 390 -19.09 -11.99 -39.22
CA THR D 390 -19.46 -13.12 -38.36
C THR D 390 -20.93 -13.48 -38.52
N MET D 391 -21.81 -12.49 -38.45
CA MET D 391 -23.24 -12.78 -38.43
C MET D 391 -23.84 -13.07 -39.79
N CYS D 392 -23.07 -12.92 -40.89
CA CYS D 392 -23.52 -13.41 -42.18
C CYS D 392 -22.78 -14.69 -42.59
N SER D 393 -22.42 -15.53 -41.62
CA SER D 393 -21.77 -16.80 -41.92
C SER D 393 -22.30 -17.96 -41.09
N LEU D 394 -23.24 -17.73 -40.18
CA LEU D 394 -23.81 -18.83 -39.40
C LEU D 394 -24.60 -19.84 -40.24
N PRO D 395 -25.50 -19.44 -41.16
CA PRO D 395 -26.32 -20.47 -41.86
C PRO D 395 -25.51 -21.50 -42.63
N VAL D 396 -24.45 -21.09 -43.33
CA VAL D 396 -23.65 -22.07 -44.07
C VAL D 396 -22.95 -23.02 -43.11
N ILE D 397 -22.44 -22.51 -41.99
CA ILE D 397 -21.73 -23.36 -41.03
C ILE D 397 -22.66 -24.40 -40.43
N TYR D 398 -23.82 -23.96 -39.93
CA TYR D 398 -24.68 -24.95 -39.28
C TYR D 398 -25.40 -25.83 -40.30
N ARG D 399 -25.53 -25.41 -41.57
CA ARG D 399 -26.02 -26.34 -42.58
C ARG D 399 -24.99 -27.42 -42.90
N ALA D 400 -23.72 -27.03 -43.04
CA ALA D 400 -22.68 -28.02 -43.31
C ALA D 400 -22.55 -29.01 -42.17
N TYR D 401 -22.69 -28.53 -40.93
CA TYR D 401 -22.67 -29.46 -39.80
C TYR D 401 -23.98 -30.24 -39.68
N TYR D 402 -25.10 -29.68 -40.15
CA TYR D 402 -26.36 -30.39 -40.18
C TYR D 402 -26.29 -31.59 -41.11
N GLY D 403 -25.65 -31.43 -42.26
CA GLY D 403 -25.50 -32.52 -43.20
C GLY D 403 -24.33 -33.45 -42.95
N ALA D 404 -23.58 -33.26 -41.87
CA ALA D 404 -22.39 -34.05 -41.59
C ALA D 404 -22.65 -35.19 -40.63
N PHE D 405 -23.18 -34.90 -39.44
CA PHE D 405 -23.41 -35.92 -38.43
C PHE D 405 -24.88 -36.28 -38.25
N LYS D 406 -25.80 -35.54 -38.86
CA LYS D 406 -27.22 -35.86 -38.83
C LYS D 406 -27.64 -36.37 -40.20
N ASP D 407 -28.34 -37.50 -40.23
CA ASP D 407 -28.65 -38.18 -41.49
C ASP D 407 -30.11 -38.66 -41.47
N VAL D 408 -31.00 -37.83 -42.01
CA VAL D 408 -32.34 -38.29 -42.33
C VAL D 408 -32.39 -38.84 -43.76
N LYS D 409 -31.48 -38.37 -44.62
CA LYS D 409 -31.25 -38.90 -45.97
C LYS D 409 -32.45 -38.73 -46.90
N GLU D 410 -33.30 -37.75 -46.64
CA GLU D 410 -34.45 -37.47 -47.50
C GLU D 410 -34.30 -36.10 -48.14
N LYS D 411 -34.72 -36.00 -49.40
CA LYS D 411 -34.70 -34.75 -50.15
C LYS D 411 -36.12 -34.22 -50.31
N ASN D 412 -36.22 -32.90 -50.44
CA ASN D 412 -37.50 -32.20 -50.62
C ASN D 412 -38.46 -32.49 -49.46
N ARG D 413 -37.93 -32.62 -48.25
CA ARG D 413 -38.74 -32.89 -47.08
C ARG D 413 -39.54 -31.64 -46.72
N THR D 414 -40.85 -31.68 -47.02
CA THR D 414 -41.75 -30.53 -46.84
C THR D 414 -41.21 -29.30 -47.58
N SER D 415 -40.63 -29.55 -48.77
CA SER D 415 -40.07 -28.51 -49.63
C SER D 415 -39.04 -27.66 -48.88
N GLU D 416 -38.01 -28.32 -48.35
CA GLU D 416 -36.94 -27.65 -47.62
C GLU D 416 -35.61 -28.00 -48.30
N GLU D 417 -35.26 -27.21 -49.31
CA GLU D 417 -33.94 -27.24 -49.93
C GLU D 417 -33.40 -25.83 -50.09
N ALA D 418 -34.08 -24.84 -49.51
CA ALA D 418 -33.68 -23.45 -49.62
C ALA D 418 -32.59 -23.05 -48.63
N GLU D 419 -32.16 -23.96 -47.76
CA GLU D 419 -31.09 -23.63 -46.81
C GLU D 419 -29.78 -23.35 -47.55
N ASP D 420 -29.46 -24.18 -48.55
CA ASP D 420 -28.28 -23.94 -49.37
C ASP D 420 -28.40 -22.63 -50.11
N LEU D 421 -29.61 -22.32 -50.61
CA LEU D 421 -29.84 -21.07 -51.31
C LEU D 421 -29.60 -19.87 -50.39
N ARG D 422 -30.12 -19.94 -49.16
CA ARG D 422 -29.94 -18.84 -48.21
C ARG D 422 -28.48 -18.68 -47.84
N ALA D 423 -27.77 -19.80 -47.62
CA ALA D 423 -26.35 -19.73 -47.26
C ALA D 423 -25.53 -19.11 -48.40
N LEU D 424 -25.77 -19.56 -49.63
CA LEU D 424 -25.04 -19.03 -50.77
C LEU D 424 -25.36 -17.55 -50.98
N ARG D 425 -26.63 -17.17 -50.83
CA ARG D 425 -27.00 -15.78 -51.05
C ARG D 425 -26.50 -14.87 -49.93
N PHE D 426 -26.34 -15.38 -48.71
CA PHE D 426 -25.77 -14.57 -47.65
C PHE D 426 -24.26 -14.39 -47.84
N LEU D 427 -23.57 -15.48 -48.21
CA LEU D 427 -22.17 -15.36 -48.59
C LEU D 427 -21.99 -14.39 -49.76
N SER D 428 -23.00 -14.32 -50.64
CA SER D 428 -22.97 -13.34 -51.72
C SER D 428 -23.20 -11.92 -51.20
N VAL D 429 -24.24 -11.71 -50.38
CA VAL D 429 -24.65 -10.37 -49.97
C VAL D 429 -23.69 -9.76 -48.96
N ILE D 430 -22.71 -10.53 -48.48
CA ILE D 430 -21.60 -9.93 -47.74
C ILE D 430 -20.90 -8.86 -48.58
N SER D 431 -20.84 -9.04 -49.90
CA SER D 431 -20.05 -8.14 -50.74
C SER D 431 -20.71 -6.78 -50.95
N ILE D 432 -22.05 -6.74 -51.08
CA ILE D 432 -22.72 -5.50 -51.47
C ILE D 432 -22.90 -4.53 -50.32
N VAL D 433 -22.71 -4.96 -49.07
CA VAL D 433 -22.95 -4.11 -47.91
C VAL D 433 -21.66 -3.79 -47.16
N ASN D 434 -20.52 -4.22 -47.67
CA ASN D 434 -19.25 -3.98 -47.00
C ASN D 434 -18.72 -2.56 -47.18
N PRO D 435 -18.66 -1.96 -48.39
CA PRO D 435 -18.11 -0.61 -48.49
C PRO D 435 -19.12 0.50 -48.22
N TRP D 436 -20.42 0.24 -48.35
CA TRP D 436 -21.41 1.29 -48.10
C TRP D 436 -21.44 1.68 -46.64
N ILE D 437 -21.27 0.72 -45.73
CA ILE D 437 -21.23 1.07 -44.30
C ILE D 437 -19.98 1.88 -43.99
N PHE D 438 -18.85 1.60 -44.66
CA PHE D 438 -17.65 2.41 -44.47
C PHE D 438 -17.86 3.83 -44.98
N ILE D 439 -18.50 3.98 -46.13
CA ILE D 439 -18.80 5.31 -46.67
C ILE D 439 -19.72 6.07 -45.72
N ILE D 440 -20.77 5.40 -45.23
CA ILE D 440 -21.73 6.04 -44.32
C ILE D 440 -21.05 6.43 -43.01
N PHE D 441 -20.21 5.55 -42.47
CA PHE D 441 -19.52 5.83 -41.22
C PHE D 441 -18.48 6.93 -41.38
N ARG D 442 -17.94 7.11 -42.59
CA ARG D 442 -16.96 8.17 -42.81
C ARG D 442 -17.59 9.52 -43.11
N SER D 443 -18.92 9.61 -43.18
CA SER D 443 -19.59 10.88 -43.40
C SER D 443 -19.75 11.63 -42.09
N PRO D 444 -19.23 12.85 -41.96
CA PRO D 444 -19.29 13.58 -40.69
C PRO D 444 -20.60 14.29 -40.43
N VAL D 445 -21.63 14.08 -41.25
CA VAL D 445 -22.90 14.77 -41.05
C VAL D 445 -23.59 14.27 -39.77
N PHE D 446 -23.47 12.98 -39.47
CA PHE D 446 -24.10 12.43 -38.28
C PHE D 446 -23.21 11.46 -37.50
N ARG D 447 -21.99 11.19 -37.95
CA ARG D 447 -21.12 10.25 -37.25
C ARG D 447 -20.64 10.78 -35.91
N ILE D 448 -20.66 12.10 -35.70
CA ILE D 448 -20.23 12.69 -34.44
C ILE D 448 -21.39 13.16 -33.58
N PHE D 449 -22.56 13.44 -34.17
CA PHE D 449 -23.71 13.85 -33.38
C PHE D 449 -24.23 12.71 -32.51
N PHE D 450 -24.33 11.51 -33.09
CA PHE D 450 -24.75 10.36 -32.30
C PHE D 450 -23.68 9.94 -31.30
N HIS D 451 -22.41 10.12 -31.64
CA HIS D 451 -21.32 9.78 -30.73
C HIS D 451 -21.35 10.68 -29.49
N LYS D 452 -21.61 11.98 -29.69
CA LYS D 452 -21.67 12.89 -28.55
C LYS D 452 -22.93 12.68 -27.72
N ILE D 453 -24.07 12.53 -28.39
CA ILE D 453 -25.33 12.38 -27.67
C ILE D 453 -25.40 11.03 -26.97
N PHE D 454 -24.99 9.96 -27.65
CA PHE D 454 -25.03 8.63 -27.08
C PHE D 454 -23.64 8.14 -26.70
#